data_6V7Z
#
_entry.id   6V7Z
#
_cell.length_a   67.717
_cell.length_b   121.933
_cell.length_c   172.136
_cell.angle_alpha   90.000
_cell.angle_beta   90.000
_cell.angle_gamma   90.000
#
_symmetry.space_group_name_H-M   'P 21 21 21'
#
loop_
_entity.id
_entity.type
_entity.pdbx_description
1 polymer 'Antigen-presenting glycoprotein CD1d'
2 polymer Beta-2-microglobulin
3 polymer 'Nanobody VHH ID22'
4 branched 2-acetamido-2-deoxy-beta-D-glucopyranose-(1-4)-2-acetamido-2-deoxy-beta-D-glucopyranose
5 branched beta-D-mannopyranose-(1-4)-2-acetamido-2-deoxy-beta-D-glucopyranose
6 branched beta-D-mannopyranose-(1-4)-2-acetamido-2-deoxy-beta-D-glucopyranose-(1-4)-2-acetamido-2-deoxy-beta-D-glucopyranose
7 non-polymer 2-acetamido-2-deoxy-beta-D-glucopyranose
8 non-polymer N-{(1S,2R,3S)-1-[(ALPHA-D-GALACTOPYRANOSYLOXY)METHYL]-2,3-DIHYDROXYHEPTADECYL}HEXACOSANAMIDE
9 non-polymer DI(HYDROXYETHYL)ETHER
10 non-polymer 'CHLORIDE ION'
11 non-polymer 'SULFATE ION'
12 non-polymer beta-D-glucopyranose
13 non-polymer 'SODIUM ION'
14 water water
#
loop_
_entity_poly.entity_id
_entity_poly.type
_entity_poly.pdbx_seq_one_letter_code
_entity_poly.pdbx_strand_id
1 'polypeptide(L)'
;MQRLFPLRCLQISSFANSSWTRTDGLAWLGELQTHSWSNDSDTVRSLKPWSQGTFSDQQWETLQHIFRVYRSSFTRDVKE
FAKMLRLSYPLELQVSAGCEVHPGNASNNFFHVAFQGKDILSFQGTSWEPTQEAPLWVNLAIQVLNQDKWTRETVQWLLN
GTCPQFVSGLLESGKSELKKQVKPKAWLSRGPSPGPGRLLLVCHVSGFYPKPVWVKWMRGEQEQQGTQPGDILPNADETW
YLRATLDVVAGEAAGLSCRVKHSSLEGQDIVLYWGSLVPRGSGSRIARLEEKVKTLKAQNSELASTANMLREQVAQLKQK
VMNHGSGLNDIFEAQKIEWHEHHHHHH
;
A,C
2 'polypeptide(L)'
;MIQRTPKIQVYSRHPAENGKSNFLNCYVSGFHPSDIEVDLLKNGERIEKVEHSDLSFSKDWSFYLLYYTEFTPTEKDEYA
CRVNHVTLSQPKIVKWDRDM
;
B,D
3 'polypeptide(L)'
;QVQLVESGGGLVQAGGSLRLSCAASGSIFSINAMGWYRQAPGKQRDFLAVISSSGSTNYADSVKGRFTISRDNAKNTAYL
QMNSLKVEDTAVYYCAAHVAGFDEYNYWGQGTQVTVSS
;
E,F
#
loop_
_chem_comp.id
_chem_comp.type
_chem_comp.name
_chem_comp.formula
AGH D-saccharide N-{(1S,2R,3S)-1-[(ALPHA-D-GALACTOPYRANOSYLOXY)METHYL]-2,3-DIHYDROXYHEPTADECYL}HEXACOSANAMIDE 'C50 H99 N O9'
BGC D-saccharide, beta linking beta-D-glucopyranose 'C6 H12 O6'
BMA D-saccharide, beta linking beta-D-mannopyranose 'C6 H12 O6'
CL non-polymer 'CHLORIDE ION' 'Cl -1'
NA non-polymer 'SODIUM ION' 'Na 1'
NAG D-saccharide, beta linking 2-acetamido-2-deoxy-beta-D-glucopyranose 'C8 H15 N O6'
PEG non-polymer DI(HYDROXYETHYL)ETHER 'C4 H10 O3'
SO4 non-polymer 'SULFATE ION' 'O4 S -2'
#
# COMPACT_ATOMS: atom_id res chain seq x y z
N MET A 1 11.58 2.35 -49.86
CA MET A 1 10.22 2.47 -50.35
C MET A 1 9.39 1.23 -50.03
N GLN A 2 10.05 0.09 -49.82
CA GLN A 2 9.37 -1.10 -49.34
C GLN A 2 9.08 -0.95 -47.84
N ARG A 3 8.05 -1.67 -47.38
CA ARG A 3 7.54 -1.49 -46.03
C ARG A 3 8.59 -1.88 -45.00
N LEU A 4 8.50 -1.27 -43.80
CA LEU A 4 9.50 -1.46 -42.75
C LEU A 4 8.88 -2.13 -41.53
N PHE A 5 9.42 -3.31 -41.20
CA PHE A 5 8.93 -4.10 -40.09
C PHE A 5 10.04 -4.26 -39.06
N PRO A 6 10.01 -3.55 -37.95
CA PRO A 6 11.05 -3.73 -36.92
C PRO A 6 10.83 -5.03 -36.15
N LEU A 7 11.95 -5.61 -35.72
CA LEU A 7 11.93 -6.80 -34.87
C LEU A 7 12.16 -6.36 -33.43
N ARG A 8 11.21 -6.62 -32.55
CA ARG A 8 11.39 -6.29 -31.14
C ARG A 8 11.23 -7.56 -30.31
N CYS A 9 12.26 -7.89 -29.53
CA CYS A 9 12.30 -9.08 -28.69
C CYS A 9 12.03 -8.66 -27.25
N LEU A 10 10.96 -9.16 -26.67
CA LEU A 10 10.50 -8.77 -25.33
C LEU A 10 10.71 -9.88 -24.30
N GLN A 11 11.08 -9.49 -23.08
CA GLN A 11 11.35 -10.43 -21.99
C GLN A 11 10.72 -9.95 -20.69
N ILE A 12 10.02 -10.85 -20.02
CA ILE A 12 9.38 -10.57 -18.73
C ILE A 12 9.93 -11.57 -17.72
N SER A 13 10.79 -11.09 -16.82
CA SER A 13 11.38 -11.90 -15.75
C SER A 13 10.88 -11.35 -14.42
N SER A 14 10.27 -12.22 -13.65
CA SER A 14 9.63 -11.86 -12.40
C SER A 14 10.24 -12.65 -11.25
N PHE A 15 10.52 -11.96 -10.15
CA PHE A 15 11.16 -12.54 -8.98
C PHE A 15 10.28 -12.22 -7.77
N ALA A 16 9.53 -13.22 -7.30
CA ALA A 16 8.68 -13.01 -6.14
C ALA A 16 9.48 -12.99 -4.86
N ASN A 17 10.55 -13.78 -4.81
CA ASN A 17 11.43 -13.89 -3.65
C ASN A 17 12.73 -14.54 -4.12
N SER A 18 13.54 -14.99 -3.16
CA SER A 18 14.87 -15.52 -3.44
C SER A 18 14.82 -16.87 -4.16
N SER A 19 13.70 -17.57 -4.13
CA SER A 19 13.59 -18.87 -4.77
C SER A 19 12.64 -18.86 -5.96
N TRP A 20 11.45 -18.28 -5.81
CA TRP A 20 10.45 -18.31 -6.88
C TRP A 20 10.76 -17.28 -7.96
N THR A 21 10.84 -17.73 -9.22
CA THR A 21 11.08 -16.83 -10.35
C THR A 21 10.58 -17.50 -11.63
N ARG A 22 10.27 -16.66 -12.64
CA ARG A 22 9.97 -17.17 -13.98
C ARG A 22 10.34 -16.12 -14.99
N THR A 23 10.75 -16.59 -16.17
CA THR A 23 11.16 -15.72 -17.28
C THR A 23 10.43 -16.19 -18.53
N ASP A 24 9.74 -15.27 -19.20
CA ASP A 24 9.01 -15.58 -20.42
C ASP A 24 9.33 -14.51 -21.45
N GLY A 25 9.24 -14.88 -22.72
CA GLY A 25 9.63 -14.01 -23.81
C GLY A 25 8.80 -14.24 -25.05
N LEU A 26 8.88 -13.25 -25.95
CA LEU A 26 8.20 -13.34 -27.24
C LEU A 26 8.92 -12.39 -28.17
N ALA A 27 8.67 -12.53 -29.48
CA ALA A 27 9.29 -11.62 -30.44
C ALA A 27 8.26 -11.20 -31.47
N TRP A 28 8.35 -9.95 -31.89
CA TRP A 28 7.41 -9.36 -32.84
C TRP A 28 8.14 -8.87 -34.07
N LEU A 29 7.59 -9.15 -35.25
CA LEU A 29 8.05 -8.56 -36.50
C LEU A 29 6.93 -7.66 -37.02
N GLY A 30 7.09 -6.35 -36.84
CA GLY A 30 6.00 -5.43 -37.09
C GLY A 30 4.88 -5.67 -36.09
N GLU A 31 3.69 -6.04 -36.58
CA GLU A 31 2.56 -6.34 -35.71
C GLU A 31 2.40 -7.82 -35.41
N LEU A 32 3.16 -8.68 -36.07
CA LEU A 32 3.04 -10.13 -35.92
C LEU A 32 3.99 -10.72 -34.88
N GLN A 33 3.47 -11.63 -34.06
CA GLN A 33 4.28 -12.37 -33.12
C GLN A 33 4.84 -13.61 -33.81
N THR A 34 6.16 -13.66 -33.94
CA THR A 34 6.84 -14.73 -34.65
C THR A 34 7.35 -15.83 -33.73
N HIS A 35 7.66 -15.50 -32.49
CA HIS A 35 8.25 -16.45 -31.55
C HIS A 35 7.63 -16.30 -30.17
N SER A 36 7.79 -17.34 -29.39
CA SER A 36 7.33 -17.42 -28.01
C SER A 36 8.39 -18.18 -27.23
N TRP A 37 8.53 -17.81 -25.97
CA TRP A 37 9.56 -18.40 -25.11
C TRP A 37 8.97 -18.52 -23.71
N SER A 38 8.69 -19.73 -23.28
CA SER A 38 8.07 -19.98 -21.99
C SER A 38 9.07 -20.53 -20.99
N ASN A 39 8.89 -20.16 -19.71
CA ASN A 39 9.77 -20.64 -18.65
C ASN A 39 9.76 -22.16 -18.54
N ASP A 40 8.59 -22.79 -18.73
CA ASP A 40 8.52 -24.25 -18.65
C ASP A 40 9.31 -24.95 -19.77
N SER A 41 9.49 -24.29 -20.91
CA SER A 41 10.14 -24.84 -22.09
C SER A 41 11.64 -24.60 -22.07
N ASP A 42 12.35 -25.38 -22.91
CA ASP A 42 13.79 -25.27 -23.07
C ASP A 42 14.21 -24.66 -24.40
N THR A 43 13.26 -24.29 -25.24
CA THR A 43 13.53 -23.79 -26.58
C THR A 43 12.63 -22.59 -26.86
N VAL A 44 13.07 -21.77 -27.79
CA VAL A 44 12.21 -20.72 -28.31
C VAL A 44 11.33 -21.30 -29.40
N ARG A 45 10.00 -21.23 -29.19
CA ARG A 45 9.08 -21.80 -30.17
C ARG A 45 8.85 -20.83 -31.32
N SER A 46 8.77 -21.38 -32.53
CA SER A 46 8.44 -20.63 -33.73
C SER A 46 6.95 -20.76 -33.98
N LEU A 47 6.28 -19.61 -34.19
CA LEU A 47 4.84 -19.56 -34.34
C LEU A 47 4.37 -19.58 -35.79
N LYS A 48 5.23 -19.19 -36.74
CA LYS A 48 4.86 -19.17 -38.15
C LYS A 48 5.75 -20.13 -38.91
N PRO A 49 5.29 -20.67 -40.04
CA PRO A 49 6.16 -21.56 -40.82
C PRO A 49 7.44 -20.90 -41.28
N TRP A 50 7.47 -19.57 -41.36
CA TRP A 50 8.60 -18.80 -41.84
C TRP A 50 9.38 -18.12 -40.72
N SER A 51 9.14 -18.52 -39.46
CA SER A 51 9.75 -17.85 -38.31
C SER A 51 11.27 -17.95 -38.29
N GLN A 52 11.84 -19.03 -38.84
CA GLN A 52 13.29 -19.20 -38.87
C GLN A 52 13.97 -18.40 -39.98
N GLY A 53 13.19 -17.72 -40.83
CA GLY A 53 13.77 -16.90 -41.86
C GLY A 53 14.61 -17.71 -42.83
N THR A 54 15.78 -17.17 -43.16
CA THR A 54 16.74 -17.90 -43.98
C THR A 54 17.89 -18.46 -43.15
N PHE A 55 17.70 -18.60 -41.84
CA PHE A 55 18.73 -19.17 -40.99
C PHE A 55 18.76 -20.69 -41.14
N SER A 56 19.97 -21.24 -41.15
CA SER A 56 20.18 -22.69 -41.09
C SER A 56 19.72 -23.26 -39.74
N ASP A 57 19.46 -24.56 -39.72
CA ASP A 57 19.10 -25.23 -38.47
C ASP A 57 20.22 -25.11 -37.45
N GLN A 58 21.47 -25.26 -37.89
CA GLN A 58 22.60 -25.09 -36.99
C GLN A 58 22.76 -23.63 -36.55
N GLN A 59 22.43 -22.66 -37.42
CA GLN A 59 22.45 -21.27 -36.97
C GLN A 59 21.35 -21.00 -35.95
N TRP A 60 20.15 -21.53 -36.20
CA TRP A 60 19.06 -21.36 -35.25
C TRP A 60 19.36 -22.09 -33.94
N GLU A 61 20.11 -23.21 -34.00
CA GLU A 61 20.41 -23.96 -32.79
C GLU A 61 21.42 -23.23 -31.90
N THR A 62 22.45 -22.58 -32.47
CA THR A 62 23.37 -21.83 -31.61
C THR A 62 22.69 -20.61 -30.96
N LEU A 63 21.72 -20.00 -31.65
CA LEU A 63 20.91 -18.97 -31.02
C LEU A 63 20.12 -19.56 -29.86
N GLN A 64 19.48 -20.72 -30.09
CA GLN A 64 18.78 -21.41 -29.01
C GLN A 64 19.71 -21.66 -27.83
N HIS A 65 20.98 -21.95 -28.10
CA HIS A 65 21.96 -22.16 -27.03
C HIS A 65 22.28 -20.87 -26.29
N ILE A 66 22.42 -19.75 -27.01
CA ILE A 66 22.69 -18.48 -26.35
C ILE A 66 21.56 -18.13 -25.41
N PHE A 67 20.32 -18.27 -25.89
CA PHE A 67 19.14 -17.95 -25.08
C PHE A 67 19.01 -18.87 -23.87
N ARG A 68 19.38 -20.14 -24.02
CA ARG A 68 19.36 -21.05 -22.87
C ARG A 68 20.31 -20.56 -21.80
N VAL A 69 21.54 -20.24 -22.20
CA VAL A 69 22.55 -19.78 -21.24
C VAL A 69 22.19 -18.41 -20.70
N TYR A 70 21.69 -17.52 -21.56
CA TYR A 70 21.29 -16.18 -21.12
C TYR A 70 20.19 -16.22 -20.07
N ARG A 71 19.16 -17.05 -20.28
CA ARG A 71 18.06 -17.11 -19.33
C ARG A 71 18.56 -17.56 -17.95
N SER A 72 19.30 -18.68 -17.90
CA SER A 72 19.88 -19.14 -16.63
C SER A 72 20.73 -18.06 -15.98
N SER A 73 21.58 -17.40 -16.78
CA SER A 73 22.55 -16.47 -16.23
C SER A 73 21.87 -15.18 -15.84
N PHE A 74 20.91 -14.72 -16.64
CA PHE A 74 20.12 -13.56 -16.24
C PHE A 74 19.53 -13.78 -14.85
N THR A 75 18.88 -14.92 -14.64
CA THR A 75 18.26 -15.20 -13.35
C THR A 75 19.26 -15.16 -12.22
N ARG A 76 20.43 -15.80 -12.38
CA ARG A 76 21.36 -15.87 -11.26
C ARG A 76 21.97 -14.50 -10.96
N ASP A 77 22.19 -13.68 -11.99
CA ASP A 77 22.76 -12.34 -11.82
C ASP A 77 21.80 -11.43 -11.06
N VAL A 78 20.53 -11.46 -11.41
CA VAL A 78 19.55 -10.67 -10.69
C VAL A 78 19.56 -11.01 -9.21
N LYS A 79 19.56 -12.31 -8.90
CA LYS A 79 19.55 -12.73 -7.51
C LYS A 79 20.82 -12.28 -6.80
N GLU A 80 21.96 -12.30 -7.51
CA GLU A 80 23.19 -11.89 -6.86
C GLU A 80 23.29 -10.38 -6.74
N PHE A 81 22.80 -9.62 -7.73
CA PHE A 81 22.72 -8.16 -7.59
C PHE A 81 21.84 -7.76 -6.41
N ALA A 82 20.69 -8.43 -6.26
CA ALA A 82 19.78 -8.06 -5.18
C ALA A 82 20.41 -8.28 -3.82
N LYS A 83 21.22 -9.34 -3.70
CA LYS A 83 21.83 -9.63 -2.42
C LYS A 83 22.92 -8.62 -2.09
N MET A 84 23.76 -8.31 -3.08
CA MET A 84 24.86 -7.36 -2.91
C MET A 84 24.35 -5.93 -2.72
N LEU A 85 23.36 -5.51 -3.52
CA LEU A 85 22.84 -4.15 -3.48
C LEU A 85 21.72 -3.96 -2.47
N ARG A 86 21.27 -5.04 -1.81
CA ARG A 86 20.20 -5.04 -0.81
C ARG A 86 18.88 -4.52 -1.39
N LEU A 87 18.47 -5.10 -2.53
CA LEU A 87 17.18 -4.80 -3.15
C LEU A 87 16.06 -5.64 -2.54
N SER A 88 14.84 -5.09 -2.57
CA SER A 88 13.71 -5.70 -1.90
C SER A 88 12.80 -6.43 -2.88
N TYR A 89 12.49 -7.68 -2.58
CA TYR A 89 11.57 -8.41 -3.42
C TYR A 89 10.13 -8.00 -3.13
N PRO A 90 9.21 -8.20 -4.08
CA PRO A 90 9.41 -8.77 -5.41
C PRO A 90 10.03 -7.82 -6.40
N LEU A 91 10.76 -8.35 -7.39
CA LEU A 91 11.37 -7.59 -8.46
C LEU A 91 10.71 -8.00 -9.78
N GLU A 92 10.57 -7.03 -10.68
CA GLU A 92 10.08 -7.29 -12.03
C GLU A 92 11.02 -6.60 -13.00
N LEU A 93 11.56 -7.37 -13.95
CA LEU A 93 12.47 -6.84 -14.96
C LEU A 93 11.93 -7.09 -16.35
N GLN A 94 12.13 -6.13 -17.21
CA GLN A 94 11.71 -6.22 -18.59
C GLN A 94 12.87 -5.81 -19.45
N VAL A 95 13.03 -6.50 -20.57
CA VAL A 95 14.00 -6.16 -21.60
C VAL A 95 13.24 -5.96 -22.90
N SER A 96 13.71 -5.01 -23.72
CA SER A 96 13.17 -4.74 -25.04
C SER A 96 14.34 -4.59 -26.00
N ALA A 97 14.68 -5.64 -26.73
CA ALA A 97 15.84 -5.58 -27.62
C ALA A 97 15.43 -5.87 -29.05
N GLY A 98 16.19 -5.35 -30.02
CA GLY A 98 15.90 -5.63 -31.41
C GLY A 98 16.50 -4.59 -32.34
N CYS A 99 16.11 -4.67 -33.61
CA CYS A 99 16.66 -3.81 -34.65
C CYS A 99 15.66 -3.62 -35.77
N GLU A 100 15.92 -2.61 -36.61
CA GLU A 100 15.23 -2.49 -37.89
C GLU A 100 16.23 -2.25 -39.00
N VAL A 101 15.99 -2.93 -40.14
CA VAL A 101 16.79 -2.83 -41.36
C VAL A 101 16.33 -1.64 -42.18
N HIS A 102 17.25 -1.02 -42.90
CA HIS A 102 16.91 0.09 -43.79
C HIS A 102 17.47 -0.13 -45.19
N PRO A 103 16.97 0.64 -46.18
CA PRO A 103 17.59 0.63 -47.52
C PRO A 103 18.95 1.32 -47.49
N GLY A 104 19.94 0.67 -48.10
CA GLY A 104 21.29 1.15 -48.07
C GLY A 104 22.21 0.34 -47.19
N ASN A 105 21.75 -0.82 -46.72
CA ASN A 105 22.52 -1.72 -45.85
C ASN A 105 22.90 -1.05 -44.53
N ALA A 106 22.11 -0.06 -44.10
CA ALA A 106 22.23 0.52 -42.78
C ALA A 106 21.20 -0.13 -41.84
N SER A 107 21.32 0.17 -40.55
CA SER A 107 20.48 -0.50 -39.56
C SER A 107 20.70 0.14 -38.19
N ASN A 108 19.62 0.36 -37.45
CA ASN A 108 19.70 0.81 -36.07
C ASN A 108 19.06 -0.22 -35.13
N ASN A 109 19.60 -0.31 -33.92
CA ASN A 109 19.21 -1.30 -32.92
C ASN A 109 18.99 -0.64 -31.57
N PHE A 110 18.61 -1.45 -30.59
CA PHE A 110 18.27 -0.99 -29.24
C PHE A 110 18.27 -2.18 -28.31
N PHE A 111 18.49 -1.90 -27.03
CA PHE A 111 18.45 -2.93 -25.99
C PHE A 111 18.18 -2.18 -24.69
N HIS A 112 16.92 -2.13 -24.29
CA HIS A 112 16.49 -1.33 -23.16
C HIS A 112 16.06 -2.24 -22.02
N VAL A 113 16.48 -1.92 -20.78
CA VAL A 113 16.15 -2.71 -19.59
C VAL A 113 15.33 -1.87 -18.62
N ALA A 114 14.24 -2.45 -18.11
CA ALA A 114 13.40 -1.75 -17.17
C ALA A 114 13.31 -2.49 -15.83
N PHE A 115 13.16 -1.71 -14.77
CA PHE A 115 13.05 -2.22 -13.41
C PHE A 115 11.81 -1.59 -12.78
N GLN A 116 10.91 -2.44 -12.29
CA GLN A 116 9.61 -2.05 -11.73
C GLN A 116 8.84 -1.12 -12.67
N GLY A 117 8.97 -1.39 -13.97
CA GLY A 117 8.23 -0.66 -14.97
C GLY A 117 8.82 0.65 -15.40
N LYS A 118 10.10 0.89 -15.12
CA LYS A 118 10.78 2.13 -15.50
C LYS A 118 12.17 1.79 -16.03
N ASP A 119 12.57 2.50 -17.09
CA ASP A 119 13.90 2.31 -17.67
C ASP A 119 14.96 2.59 -16.63
N ILE A 120 15.97 1.74 -16.56
CA ILE A 120 17.08 2.00 -15.68
C ILE A 120 18.39 2.00 -16.47
N LEU A 121 18.48 1.18 -17.53
CA LEU A 121 19.72 1.15 -18.30
C LEU A 121 19.49 0.63 -19.70
N SER A 122 20.50 0.81 -20.54
CA SER A 122 20.46 0.33 -21.92
C SER A 122 21.87 0.02 -22.42
N PHE A 123 21.95 -0.67 -23.57
CA PHE A 123 23.21 -0.99 -24.25
C PHE A 123 23.44 0.00 -25.39
N GLN A 124 24.54 0.72 -25.34
CA GLN A 124 24.84 1.76 -26.32
C GLN A 124 26.22 1.53 -26.91
N GLY A 125 26.24 1.11 -28.18
CA GLY A 125 27.49 1.00 -28.88
C GLY A 125 28.29 -0.22 -28.47
N THR A 126 29.04 -0.10 -27.38
CA THR A 126 29.86 -1.20 -26.89
C THR A 126 29.62 -1.58 -25.44
N SER A 127 28.88 -0.79 -24.67
CA SER A 127 28.81 -1.04 -23.23
C SER A 127 27.46 -0.61 -22.68
N TRP A 128 27.27 -0.84 -21.39
CA TRP A 128 26.05 -0.48 -20.68
C TRP A 128 26.10 0.96 -20.19
N GLU A 129 24.97 1.65 -20.28
CA GLU A 129 24.82 3.03 -19.80
C GLU A 129 23.53 3.18 -19.00
N PRO A 130 23.53 3.94 -17.91
CA PRO A 130 22.30 4.14 -17.15
C PRO A 130 21.46 5.30 -17.67
N THR A 131 20.17 5.25 -17.34
CA THR A 131 19.29 6.32 -17.77
C THR A 131 19.36 7.49 -16.79
N GLN A 132 18.89 8.64 -17.26
CA GLN A 132 19.02 9.88 -16.49
C GLN A 132 18.36 9.78 -15.12
N GLU A 133 17.17 9.18 -15.06
CA GLU A 133 16.42 9.10 -13.81
C GLU A 133 16.55 7.71 -13.21
N ALA A 134 17.72 7.13 -13.36
CA ALA A 134 18.02 5.83 -12.81
C ALA A 134 18.44 5.96 -11.36
N PRO A 135 17.96 5.08 -10.50
CA PRO A 135 18.33 5.16 -9.09
C PRO A 135 19.84 5.07 -8.93
N LEU A 136 20.31 5.57 -7.79
CA LEU A 136 21.73 5.61 -7.49
C LEU A 136 22.41 4.26 -7.60
N TRP A 137 21.77 3.21 -7.09
CA TRP A 137 22.40 1.89 -7.05
C TRP A 137 22.66 1.31 -8.44
N VAL A 138 21.91 1.74 -9.46
CA VAL A 138 22.12 1.22 -10.80
C VAL A 138 23.55 1.49 -11.27
N ASN A 139 24.20 2.51 -10.72
CA ASN A 139 25.57 2.84 -11.11
C ASN A 139 26.57 1.80 -10.61
N LEU A 140 26.29 1.21 -9.45
CA LEU A 140 27.12 0.12 -8.97
C LEU A 140 26.96 -1.12 -9.84
N ALA A 141 25.77 -1.33 -10.41
CA ALA A 141 25.51 -2.49 -11.24
C ALA A 141 26.15 -2.35 -12.63
N ILE A 142 26.04 -1.16 -13.23
CA ILE A 142 26.66 -0.91 -14.52
C ILE A 142 28.16 -1.19 -14.44
N GLN A 143 28.76 -0.88 -13.29
CA GLN A 143 30.18 -1.07 -13.15
C GLN A 143 30.55 -2.54 -13.27
N VAL A 144 29.83 -3.42 -12.57
CA VAL A 144 30.10 -4.84 -12.63
C VAL A 144 29.85 -5.37 -14.05
N LEU A 145 28.74 -4.97 -14.67
CA LEU A 145 28.38 -5.46 -16.00
C LEU A 145 29.42 -5.10 -17.05
N ASN A 146 29.97 -3.88 -16.99
CA ASN A 146 30.89 -3.45 -18.03
C ASN A 146 32.27 -4.08 -17.93
N GLN A 147 32.55 -4.82 -16.85
CA GLN A 147 33.75 -5.64 -16.68
C GLN A 147 33.68 -6.96 -17.44
N ASP A 148 32.55 -7.29 -18.05
CA ASP A 148 32.26 -8.61 -18.61
C ASP A 148 32.39 -8.54 -20.13
N LYS A 149 33.64 -8.55 -20.61
CA LYS A 149 33.91 -8.41 -22.04
C LYS A 149 33.08 -9.35 -22.90
N TRP A 150 33.11 -10.66 -22.61
CA TRP A 150 32.36 -11.65 -23.38
C TRP A 150 30.90 -11.25 -23.60
N THR A 151 30.20 -10.87 -22.54
CA THR A 151 28.79 -10.48 -22.69
C THR A 151 28.65 -9.21 -23.51
N ARG A 152 29.55 -8.25 -23.34
CA ARG A 152 29.48 -7.01 -24.11
C ARG A 152 29.72 -7.26 -25.60
N GLU A 153 30.70 -8.09 -25.95
CA GLU A 153 30.90 -8.42 -27.36
C GLU A 153 29.69 -9.15 -27.92
N THR A 154 29.16 -10.10 -27.14
CA THR A 154 28.03 -10.90 -27.61
C THR A 154 26.79 -10.05 -27.87
N VAL A 155 26.47 -9.13 -26.95
CA VAL A 155 25.34 -8.23 -27.17
C VAL A 155 25.61 -7.33 -28.36
N GLN A 156 26.85 -6.85 -28.48
CA GLN A 156 27.20 -5.98 -29.59
C GLN A 156 26.96 -6.66 -30.93
N TRP A 157 27.38 -7.91 -31.06
CA TRP A 157 27.27 -8.56 -32.36
C TRP A 157 25.88 -9.14 -32.60
N LEU A 158 25.16 -9.56 -31.55
CA LEU A 158 23.75 -9.82 -31.74
C LEU A 158 23.02 -8.63 -32.33
N LEU A 159 23.30 -7.42 -31.84
CA LEU A 159 22.50 -6.29 -32.30
C LEU A 159 22.97 -5.75 -33.63
N ASN A 160 24.28 -5.72 -33.85
CA ASN A 160 24.85 -5.08 -35.03
C ASN A 160 25.02 -6.07 -36.19
N GLY A 161 25.01 -7.37 -35.91
CA GLY A 161 25.21 -8.37 -36.93
C GLY A 161 24.09 -9.39 -37.04
N THR A 162 23.87 -10.15 -35.96
CA THR A 162 22.90 -11.24 -35.98
C THR A 162 21.47 -10.73 -36.22
N CYS A 163 21.03 -9.74 -35.44
CA CYS A 163 19.65 -9.27 -35.56
C CYS A 163 19.34 -8.77 -36.97
N PRO A 164 20.15 -7.90 -37.60
CA PRO A 164 19.79 -7.45 -38.95
C PRO A 164 19.82 -8.56 -40.02
N GLN A 165 20.75 -9.51 -39.92
CA GLN A 165 20.72 -10.60 -40.89
C GLN A 165 19.48 -11.45 -40.70
N PHE A 166 19.02 -11.56 -39.46
CA PHE A 166 17.88 -12.42 -39.20
C PHE A 166 16.60 -11.80 -39.76
N VAL A 167 16.40 -10.50 -39.51
CA VAL A 167 15.17 -9.85 -39.94
C VAL A 167 15.07 -9.86 -41.45
N SER A 168 16.18 -9.76 -42.16
CA SER A 168 16.13 -9.81 -43.62
C SER A 168 15.74 -11.20 -44.11
N GLY A 169 16.11 -12.25 -43.38
CA GLY A 169 15.62 -13.57 -43.72
C GLY A 169 14.13 -13.70 -43.44
N LEU A 170 13.65 -13.07 -42.37
CA LEU A 170 12.22 -13.03 -42.10
C LEU A 170 11.47 -12.25 -43.17
N LEU A 171 12.10 -11.23 -43.76
CA LEU A 171 11.34 -10.38 -44.66
C LEU A 171 11.07 -11.06 -46.00
N GLU A 172 11.97 -11.94 -46.45
CA GLU A 172 11.66 -12.72 -47.64
C GLU A 172 10.84 -13.96 -47.29
N SER A 173 11.23 -14.70 -46.24
CA SER A 173 10.50 -15.93 -45.91
C SER A 173 9.04 -15.63 -45.61
N GLY A 174 8.78 -14.56 -44.86
CA GLY A 174 7.43 -14.19 -44.58
C GLY A 174 6.90 -13.11 -45.51
N LYS A 175 7.50 -12.95 -46.71
CA LYS A 175 7.09 -11.89 -47.63
C LYS A 175 5.59 -11.89 -47.84
N SER A 176 5.00 -13.07 -47.94
CA SER A 176 3.62 -13.15 -48.38
C SER A 176 2.67 -12.77 -47.25
N GLU A 177 2.89 -13.29 -46.03
CA GLU A 177 2.02 -12.92 -44.91
C GLU A 177 2.16 -11.45 -44.55
N LEU A 178 3.32 -10.85 -44.79
CA LEU A 178 3.49 -9.46 -44.45
C LEU A 178 2.73 -8.55 -45.41
N LYS A 179 2.50 -8.99 -46.66
CA LYS A 179 1.80 -8.19 -47.66
C LYS A 179 0.32 -8.50 -47.77
N LYS A 180 -0.17 -9.47 -46.99
CA LYS A 180 -1.55 -9.90 -47.04
C LYS A 180 -2.50 -8.77 -46.63
N GLN A 181 -3.69 -8.78 -47.23
CA GLN A 181 -4.71 -7.74 -47.09
C GLN A 181 -6.05 -8.39 -46.80
N VAL A 182 -6.65 -8.05 -45.67
CA VAL A 182 -7.94 -8.59 -45.27
C VAL A 182 -8.92 -7.44 -45.11
N LYS A 183 -10.05 -7.50 -45.82
CA LYS A 183 -11.01 -6.41 -45.84
C LYS A 183 -11.80 -6.36 -44.54
N PRO A 184 -12.01 -5.17 -43.97
CA PRO A 184 -12.85 -5.05 -42.77
C PRO A 184 -14.33 -5.11 -43.11
N LYS A 185 -15.13 -5.28 -42.07
CA LYS A 185 -16.58 -5.10 -42.13
C LYS A 185 -16.95 -4.07 -41.08
N ALA A 186 -17.98 -3.28 -41.38
CA ALA A 186 -18.42 -2.20 -40.52
C ALA A 186 -19.93 -2.29 -40.30
N TRP A 187 -20.39 -1.85 -39.13
CA TRP A 187 -21.80 -1.81 -38.82
C TRP A 187 -22.06 -0.69 -37.83
N LEU A 188 -23.34 -0.29 -37.73
CA LEU A 188 -23.74 0.88 -36.95
C LEU A 188 -24.50 0.48 -35.70
N SER A 189 -24.59 1.41 -34.76
CA SER A 189 -25.14 1.10 -33.45
C SER A 189 -25.39 2.41 -32.71
N ARG A 190 -26.25 2.35 -31.69
CA ARG A 190 -26.53 3.48 -30.83
C ARG A 190 -26.03 3.19 -29.42
N GLY A 191 -25.44 4.21 -28.78
CA GLY A 191 -24.81 4.05 -27.48
C GLY A 191 -25.61 4.68 -26.37
N PRO A 192 -25.10 4.60 -25.15
CA PRO A 192 -25.84 5.12 -24.00
C PRO A 192 -25.92 6.64 -24.04
N SER A 193 -27.07 7.17 -23.65
CA SER A 193 -27.36 8.59 -23.71
C SER A 193 -26.25 9.42 -23.06
N PRO A 194 -25.52 10.23 -23.85
CA PRO A 194 -24.54 11.13 -23.24
C PRO A 194 -25.18 12.27 -22.46
N GLY A 195 -26.20 12.90 -23.02
CA GLY A 195 -26.86 14.01 -22.37
C GLY A 195 -28.38 13.89 -22.41
N PRO A 196 -29.06 14.97 -22.05
CA PRO A 196 -30.53 14.93 -22.07
C PRO A 196 -31.08 14.84 -23.47
N GLY A 197 -30.64 15.76 -24.33
CA GLY A 197 -31.10 15.79 -25.71
C GLY A 197 -30.09 15.29 -26.72
N ARG A 198 -29.20 14.38 -26.33
CA ARG A 198 -28.11 13.99 -27.21
C ARG A 198 -28.15 12.49 -27.53
N LEU A 199 -27.42 12.11 -28.58
CA LEU A 199 -27.27 10.74 -29.08
C LEU A 199 -25.80 10.37 -29.21
N LEU A 200 -25.47 9.12 -28.91
CA LEU A 200 -24.12 8.63 -29.13
C LEU A 200 -24.15 7.63 -30.28
N LEU A 201 -23.59 8.02 -31.42
CA LEU A 201 -23.54 7.19 -32.62
C LEU A 201 -22.25 6.39 -32.57
N VAL A 202 -22.34 5.08 -32.79
CA VAL A 202 -21.19 4.19 -32.70
C VAL A 202 -20.96 3.53 -34.06
N CYS A 203 -19.72 3.57 -34.54
CA CYS A 203 -19.32 2.89 -35.77
C CYS A 203 -18.33 1.77 -35.45
N HIS A 204 -18.71 0.54 -35.73
CA HIS A 204 -17.85 -0.62 -35.45
C HIS A 204 -17.13 -1.03 -36.72
N VAL A 205 -15.82 -1.27 -36.62
CA VAL A 205 -15.03 -1.77 -37.74
C VAL A 205 -14.27 -2.99 -37.27
N SER A 206 -14.50 -4.13 -37.88
CA SER A 206 -13.82 -5.34 -37.43
C SER A 206 -13.21 -6.11 -38.59
N GLY A 207 -12.13 -6.83 -38.26
CA GLY A 207 -11.52 -7.80 -39.13
C GLY A 207 -10.56 -7.29 -40.18
N PHE A 208 -10.04 -6.07 -40.04
CA PHE A 208 -9.09 -5.62 -41.04
C PHE A 208 -7.69 -6.05 -40.62
N TYR A 209 -6.83 -6.17 -41.62
CA TYR A 209 -5.40 -6.41 -41.49
C TYR A 209 -4.81 -5.88 -42.78
N PRO A 210 -3.68 -5.17 -42.75
CA PRO A 210 -2.78 -4.90 -41.61
C PRO A 210 -3.36 -3.79 -40.71
N LYS A 211 -2.59 -3.35 -39.73
CA LYS A 211 -3.15 -2.46 -38.70
C LYS A 211 -3.55 -1.07 -39.14
N PRO A 212 -2.82 -0.40 -40.02
CA PRO A 212 -3.20 0.97 -40.42
C PRO A 212 -4.62 1.03 -40.99
N VAL A 213 -5.44 1.92 -40.39
CA VAL A 213 -6.84 2.14 -40.74
C VAL A 213 -7.20 3.61 -40.50
N TRP A 214 -8.26 4.08 -41.18
CA TRP A 214 -8.76 5.46 -41.05
C TRP A 214 -10.28 5.41 -40.92
N VAL A 215 -10.82 5.92 -39.82
CA VAL A 215 -12.25 5.85 -39.58
C VAL A 215 -12.71 7.17 -38.98
N LYS A 216 -13.66 7.84 -39.65
CA LYS A 216 -14.15 9.10 -39.15
C LYS A 216 -15.63 9.25 -39.49
N TRP A 217 -16.35 10.00 -38.64
CA TRP A 217 -17.72 10.39 -38.92
C TRP A 217 -17.71 11.63 -39.83
N MET A 218 -18.65 11.65 -40.77
CA MET A 218 -18.66 12.66 -41.83
C MET A 218 -20.06 13.20 -42.03
N ARG A 219 -20.12 14.43 -42.55
CA ARG A 219 -21.34 15.00 -43.11
C ARG A 219 -20.97 15.35 -44.55
N GLY A 220 -21.24 14.42 -45.46
CA GLY A 220 -20.72 14.57 -46.80
C GLY A 220 -19.23 14.38 -46.75
N GLU A 221 -18.50 15.40 -47.20
CA GLU A 221 -17.05 15.35 -47.17
C GLU A 221 -16.44 16.23 -46.07
N GLN A 222 -17.27 16.76 -45.19
CA GLN A 222 -16.78 17.52 -44.04
C GLN A 222 -16.54 16.55 -42.87
N GLU A 223 -15.29 16.37 -42.48
CA GLU A 223 -15.00 15.50 -41.35
C GLU A 223 -15.56 16.09 -40.07
N GLN A 224 -16.19 15.25 -39.26
CA GLN A 224 -16.77 15.71 -38.00
C GLN A 224 -15.67 15.62 -36.93
N GLN A 225 -15.09 16.78 -36.60
CA GLN A 225 -13.93 16.82 -35.73
C GLN A 225 -14.24 16.37 -34.30
N GLY A 226 -15.50 16.16 -33.95
CA GLY A 226 -15.82 15.58 -32.67
C GLY A 226 -15.71 14.07 -32.58
N THR A 227 -15.34 13.38 -33.67
CA THR A 227 -15.19 11.91 -33.67
C THR A 227 -14.20 11.49 -32.60
N GLN A 228 -14.60 10.52 -31.76
CA GLN A 228 -13.69 9.93 -30.79
C GLN A 228 -13.37 8.49 -31.20
N PRO A 229 -12.21 8.24 -31.79
CA PRO A 229 -11.84 6.85 -32.07
C PRO A 229 -11.24 6.22 -30.82
N GLY A 230 -11.52 4.95 -30.64
CA GLY A 230 -10.97 4.23 -29.52
C GLY A 230 -9.58 3.70 -29.80
N ASP A 231 -9.17 2.75 -28.96
CA ASP A 231 -7.97 2.04 -29.28
C ASP A 231 -8.27 1.03 -30.38
N ILE A 232 -7.23 0.69 -31.13
CA ILE A 232 -7.34 -0.42 -32.06
C ILE A 232 -7.13 -1.71 -31.27
N LEU A 233 -8.15 -2.54 -31.18
CA LEU A 233 -8.19 -3.71 -30.30
C LEU A 233 -7.93 -5.00 -31.08
N PRO A 234 -7.28 -5.99 -30.48
CA PRO A 234 -6.96 -7.21 -31.25
C PRO A 234 -8.10 -8.21 -31.33
N ASN A 235 -8.10 -8.96 -32.44
CA ASN A 235 -8.94 -10.14 -32.62
C ASN A 235 -8.05 -11.37 -32.50
N ALA A 236 -8.66 -12.50 -32.12
CA ALA A 236 -7.87 -13.72 -31.90
C ALA A 236 -7.23 -14.26 -33.17
N ASP A 237 -7.77 -13.93 -34.35
CA ASP A 237 -7.25 -14.34 -35.64
C ASP A 237 -6.25 -13.34 -36.23
N GLU A 238 -5.78 -12.38 -35.44
CA GLU A 238 -4.77 -11.38 -35.82
C GLU A 238 -5.27 -10.31 -36.80
N THR A 239 -6.57 -10.09 -36.87
CA THR A 239 -7.14 -8.88 -37.45
C THR A 239 -7.45 -7.91 -36.31
N TRP A 240 -8.05 -6.77 -36.65
CA TRP A 240 -8.23 -5.74 -35.64
C TRP A 240 -9.67 -5.25 -35.61
N TYR A 241 -9.96 -4.52 -34.54
CA TYR A 241 -11.27 -3.99 -34.20
C TYR A 241 -11.17 -2.51 -33.78
N LEU A 242 -12.18 -1.74 -34.14
CA LEU A 242 -12.22 -0.33 -33.84
C LEU A 242 -13.67 0.05 -33.60
N ARG A 243 -13.88 0.95 -32.67
CA ARG A 243 -15.19 1.55 -32.43
C ARG A 243 -14.98 3.06 -32.45
N ALA A 244 -15.77 3.80 -33.25
CA ALA A 244 -15.60 5.24 -33.43
C ALA A 244 -16.90 5.96 -33.10
N THR A 245 -16.93 6.74 -32.03
CA THR A 245 -18.19 7.34 -31.56
C THR A 245 -18.24 8.83 -31.81
N LEU A 246 -19.48 9.34 -31.80
CA LEU A 246 -19.80 10.74 -32.02
C LEU A 246 -20.98 11.15 -31.16
N ASP A 247 -20.80 12.22 -30.41
CA ASP A 247 -21.85 12.78 -29.56
C ASP A 247 -22.42 13.96 -30.32
N VAL A 248 -23.73 13.91 -30.60
CA VAL A 248 -24.40 14.95 -31.38
C VAL A 248 -25.78 15.23 -30.81
N VAL A 249 -26.34 16.39 -31.15
CA VAL A 249 -27.69 16.65 -30.71
C VAL A 249 -28.61 15.82 -31.60
N ALA A 250 -29.74 15.40 -31.02
CA ALA A 250 -30.66 14.44 -31.67
C ALA A 250 -30.87 14.74 -33.15
N GLY A 251 -31.27 15.97 -33.48
CA GLY A 251 -31.64 16.31 -34.85
C GLY A 251 -30.48 16.34 -35.84
N GLU A 252 -29.27 16.64 -35.39
CA GLU A 252 -28.18 16.76 -36.35
C GLU A 252 -27.64 15.40 -36.81
N ALA A 253 -28.03 14.31 -36.15
CA ALA A 253 -27.57 12.98 -36.58
C ALA A 253 -27.98 12.67 -38.01
N ALA A 254 -29.16 13.11 -38.42
CA ALA A 254 -29.63 12.79 -39.77
C ALA A 254 -28.69 13.38 -40.81
N GLY A 255 -28.26 12.54 -41.76
CA GLY A 255 -27.33 12.95 -42.78
C GLY A 255 -25.85 12.76 -42.46
N LEU A 256 -25.52 12.10 -41.34
CA LEU A 256 -24.14 11.76 -41.01
C LEU A 256 -23.81 10.37 -41.52
N SER A 257 -22.52 10.14 -41.76
CA SER A 257 -22.04 8.85 -42.25
C SER A 257 -20.76 8.50 -41.54
N CYS A 258 -20.46 7.19 -41.53
CA CYS A 258 -19.21 6.66 -41.02
C CYS A 258 -18.40 6.16 -42.20
N ARG A 259 -17.21 6.73 -42.41
CA ARG A 259 -16.35 6.40 -43.55
C ARG A 259 -15.15 5.60 -43.06
N VAL A 260 -14.86 4.48 -43.74
CA VAL A 260 -13.74 3.60 -43.41
C VAL A 260 -12.81 3.54 -44.61
N LYS A 261 -11.54 3.84 -44.37
CA LYS A 261 -10.50 3.70 -45.39
C LYS A 261 -9.49 2.67 -44.92
N HIS A 262 -9.02 1.83 -45.84
CA HIS A 262 -8.08 0.76 -45.54
C HIS A 262 -7.44 0.31 -46.85
N SER A 263 -6.18 -0.14 -46.72
CA SER A 263 -5.41 -0.57 -47.88
C SER A 263 -6.09 -1.72 -48.63
N SER A 264 -6.95 -2.47 -47.95
CA SER A 264 -7.59 -3.61 -48.57
C SER A 264 -8.73 -3.24 -49.53
N LEU A 265 -9.24 -2.00 -49.46
CA LEU A 265 -10.39 -1.62 -50.25
C LEU A 265 -10.02 -0.91 -51.55
N GLU A 266 -8.75 -0.61 -51.75
CA GLU A 266 -8.25 -0.06 -53.01
C GLU A 266 -9.11 1.12 -53.47
N GLY A 267 -9.28 2.09 -52.57
CA GLY A 267 -10.05 3.27 -52.83
C GLY A 267 -11.54 3.13 -52.58
N GLN A 268 -12.06 1.91 -52.44
CA GLN A 268 -13.50 1.71 -52.33
C GLN A 268 -13.86 1.73 -50.85
N ASP A 269 -14.06 2.96 -50.35
CA ASP A 269 -14.28 3.14 -48.92
C ASP A 269 -15.64 2.59 -48.54
N ILE A 270 -15.71 2.08 -47.32
CA ILE A 270 -16.98 1.67 -46.73
C ILE A 270 -17.63 2.91 -46.11
N VAL A 271 -18.86 3.20 -46.51
CA VAL A 271 -19.58 4.40 -46.10
C VAL A 271 -20.96 3.97 -45.66
N LEU A 272 -21.25 4.06 -44.36
CA LEU A 272 -22.56 3.68 -43.81
C LEU A 272 -23.32 4.91 -43.30
N TYR A 273 -24.55 5.09 -43.78
CA TYR A 273 -25.32 6.28 -43.42
C TYR A 273 -26.22 6.02 -42.22
N TRP A 274 -26.40 7.07 -41.40
CA TRP A 274 -27.14 6.90 -40.15
C TRP A 274 -28.62 6.57 -40.41
N GLY A 275 -29.13 5.54 -39.71
CA GLY A 275 -30.51 5.08 -39.79
C GLY A 275 -31.55 6.12 -40.18
N MET B 1 5.21 1.60 -4.90
CA MET B 1 5.86 1.93 -6.19
C MET B 1 4.83 2.59 -7.08
N ILE B 2 5.05 2.52 -8.38
CA ILE B 2 4.04 3.00 -9.31
C ILE B 2 3.43 1.76 -9.94
N GLN B 3 2.25 1.37 -9.48
CA GLN B 3 1.51 0.27 -10.07
C GLN B 3 0.37 0.85 -10.87
N ARG B 4 0.10 0.25 -12.03
CA ARG B 4 -0.92 0.74 -12.93
C ARG B 4 -2.10 -0.21 -12.92
N THR B 5 -3.30 0.34 -12.85
CA THR B 5 -4.49 -0.46 -12.78
C THR B 5 -4.93 -0.87 -14.19
N PRO B 6 -5.54 -2.04 -14.35
CA PRO B 6 -5.84 -2.53 -15.69
C PRO B 6 -7.05 -1.84 -16.30
N LYS B 7 -6.94 -1.63 -17.61
CA LYS B 7 -8.05 -1.18 -18.45
C LYS B 7 -8.68 -2.42 -19.09
N ILE B 8 -10.01 -2.49 -19.08
CA ILE B 8 -10.74 -3.67 -19.52
C ILE B 8 -11.72 -3.28 -20.61
N GLN B 9 -11.62 -3.93 -21.76
CA GLN B 9 -12.49 -3.67 -22.91
C GLN B 9 -13.05 -5.00 -23.43
N VAL B 10 -14.38 -5.05 -23.60
CA VAL B 10 -15.10 -6.25 -23.97
C VAL B 10 -15.83 -6.04 -25.28
N TYR B 11 -15.63 -6.95 -26.22
CA TYR B 11 -16.21 -6.79 -27.54
C TYR B 11 -16.25 -8.16 -28.18
N SER B 12 -17.06 -8.28 -29.23
CA SER B 12 -17.24 -9.46 -30.04
C SER B 12 -16.62 -9.28 -31.43
N ARG B 13 -16.19 -10.40 -32.04
CA ARG B 13 -15.54 -10.39 -33.34
CA ARG B 13 -15.52 -10.34 -33.34
C ARG B 13 -16.47 -9.93 -34.46
N HIS B 14 -17.73 -10.31 -34.38
CA HIS B 14 -18.69 -10.05 -35.45
C HIS B 14 -19.91 -9.34 -34.87
N PRO B 15 -20.72 -8.70 -35.72
CA PRO B 15 -21.98 -8.12 -35.20
C PRO B 15 -22.85 -9.20 -34.57
N ALA B 16 -23.23 -8.98 -33.32
CA ALA B 16 -23.96 -9.99 -32.56
C ALA B 16 -25.33 -10.24 -33.18
N GLU B 17 -25.57 -11.48 -33.59
CA GLU B 17 -26.89 -11.88 -34.08
C GLU B 17 -27.36 -13.08 -33.26
N ASN B 18 -28.41 -12.87 -32.46
CA ASN B 18 -28.88 -13.87 -31.50
C ASN B 18 -29.05 -15.23 -32.15
N GLY B 19 -28.33 -16.24 -31.63
CA GLY B 19 -28.39 -17.61 -32.13
C GLY B 19 -27.27 -18.00 -33.06
N LYS B 20 -26.53 -17.03 -33.58
CA LYS B 20 -25.40 -17.27 -34.46
C LYS B 20 -24.11 -17.35 -33.64
N SER B 21 -23.10 -17.97 -34.21
CA SER B 21 -21.87 -18.25 -33.49
C SER B 21 -20.87 -17.09 -33.63
N ASN B 22 -20.17 -16.79 -32.54
CA ASN B 22 -19.38 -15.57 -32.48
C ASN B 22 -18.23 -15.79 -31.51
N PHE B 23 -17.28 -14.87 -31.51
CA PHE B 23 -16.18 -14.86 -30.54
C PHE B 23 -16.34 -13.70 -29.56
N LEU B 24 -16.11 -13.99 -28.27
CA LEU B 24 -16.17 -12.99 -27.21
C LEU B 24 -14.77 -12.63 -26.72
N ASN B 25 -14.41 -11.35 -26.83
CA ASN B 25 -13.05 -10.88 -26.54
C ASN B 25 -13.02 -10.01 -25.29
N CYS B 26 -11.95 -10.18 -24.52
CA CYS B 26 -11.69 -9.27 -23.41
C CYS B 26 -10.21 -8.84 -23.50
N TYR B 27 -9.98 -7.58 -23.81
CA TYR B 27 -8.62 -7.05 -23.90
C TYR B 27 -8.31 -6.30 -22.60
N VAL B 28 -7.28 -6.75 -21.90
CA VAL B 28 -6.88 -6.21 -20.62
C VAL B 28 -5.52 -5.55 -20.80
N SER B 29 -5.41 -4.28 -20.45
CA SER B 29 -4.19 -3.59 -20.83
C SER B 29 -3.85 -2.50 -19.83
N GLY B 30 -2.62 -1.98 -19.98
CA GLY B 30 -2.10 -0.85 -19.24
C GLY B 30 -1.81 -1.09 -17.78
N PHE B 31 -1.61 -2.35 -17.37
CA PHE B 31 -1.40 -2.65 -15.98
C PHE B 31 0.05 -3.02 -15.73
N HIS B 32 0.45 -2.91 -14.43
CA HIS B 32 1.75 -3.28 -13.91
C HIS B 32 1.68 -3.53 -12.40
N PRO B 33 2.23 -4.64 -11.89
CA PRO B 33 3.02 -5.72 -12.48
C PRO B 33 2.19 -6.72 -13.26
N SER B 34 2.82 -7.81 -13.71
CA SER B 34 2.22 -8.70 -14.70
C SER B 34 1.26 -9.72 -14.11
N ASP B 35 1.38 -10.08 -12.83
CA ASP B 35 0.50 -11.11 -12.28
C ASP B 35 -0.92 -10.58 -12.32
N ILE B 36 -1.82 -11.32 -12.99
CA ILE B 36 -3.20 -10.92 -13.19
C ILE B 36 -4.07 -12.17 -13.30
N GLU B 37 -5.33 -12.04 -12.89
CA GLU B 37 -6.34 -13.10 -12.96
C GLU B 37 -7.49 -12.63 -13.84
N VAL B 38 -7.68 -13.25 -15.01
CA VAL B 38 -8.76 -12.86 -15.92
C VAL B 38 -9.69 -14.05 -16.19
N ASP B 39 -10.99 -13.81 -16.09
CA ASP B 39 -12.00 -14.82 -16.36
C ASP B 39 -13.07 -14.24 -17.29
N LEU B 40 -13.65 -15.11 -18.10
CA LEU B 40 -14.84 -14.73 -18.85
C LEU B 40 -16.04 -15.42 -18.21
N LEU B 41 -17.14 -14.69 -18.06
CA LEU B 41 -18.30 -15.16 -17.32
C LEU B 41 -19.52 -15.32 -18.22
N LYS B 42 -20.29 -16.37 -17.97
CA LYS B 42 -21.60 -16.60 -18.57
C LYS B 42 -22.59 -16.63 -17.41
N ASN B 43 -23.36 -15.55 -17.29
CA ASN B 43 -24.32 -15.33 -16.20
C ASN B 43 -23.66 -15.47 -14.82
N GLY B 44 -22.51 -14.82 -14.66
CA GLY B 44 -21.80 -14.78 -13.41
C GLY B 44 -20.99 -16.00 -13.08
N GLU B 45 -21.12 -17.07 -13.85
CA GLU B 45 -20.37 -18.30 -13.66
C GLU B 45 -19.20 -18.34 -14.65
N ARG B 46 -18.06 -18.83 -14.17
CA ARG B 46 -16.83 -18.85 -14.96
C ARG B 46 -16.92 -19.84 -16.12
N ILE B 47 -16.36 -19.46 -17.27
CA ILE B 47 -16.34 -20.26 -18.49
C ILE B 47 -15.01 -21.01 -18.58
N GLU B 48 -15.04 -22.28 -18.96
CA GLU B 48 -13.82 -23.07 -19.04
C GLU B 48 -13.29 -23.20 -20.46
N LYS B 49 -12.02 -23.60 -20.55
CA LYS B 49 -11.34 -23.78 -21.84
C LYS B 49 -11.36 -22.49 -22.67
N VAL B 50 -11.17 -21.36 -21.99
CA VAL B 50 -11.07 -20.06 -22.64
C VAL B 50 -9.60 -19.80 -22.91
N GLU B 51 -9.27 -19.33 -24.11
CA GLU B 51 -7.91 -19.18 -24.59
C GLU B 51 -7.43 -17.75 -24.45
N HIS B 52 -6.10 -17.55 -24.45
CA HIS B 52 -5.57 -16.17 -24.35
C HIS B 52 -4.25 -16.02 -25.10
N SER B 53 -3.92 -14.77 -25.39
CA SER B 53 -2.68 -14.42 -26.06
C SER B 53 -1.48 -14.57 -25.13
N ASP B 54 -0.29 -14.61 -25.72
CA ASP B 54 0.93 -14.53 -24.92
C ASP B 54 1.08 -13.13 -24.31
N LEU B 55 1.40 -13.09 -23.02
CA LEU B 55 1.56 -11.83 -22.29
C LEU B 55 2.68 -10.99 -22.92
N SER B 56 2.36 -9.74 -23.19
CA SER B 56 3.20 -8.84 -23.96
C SER B 56 3.18 -7.47 -23.28
N PHE B 57 3.99 -6.52 -23.78
CA PHE B 57 3.91 -5.20 -23.16
C PHE B 57 4.21 -4.11 -24.18
N SER B 58 3.69 -2.92 -23.89
CA SER B 58 3.79 -1.75 -24.75
C SER B 58 5.09 -0.97 -24.51
N LYS B 59 5.34 0.08 -25.31
CA LYS B 59 6.57 0.87 -25.17
C LYS B 59 6.76 1.37 -23.74
N ASP B 60 5.68 1.89 -23.12
CA ASP B 60 5.72 2.37 -21.76
C ASP B 60 5.78 1.24 -20.74
N TRP B 61 5.98 -0.01 -21.19
CA TRP B 61 6.22 -1.19 -20.37
C TRP B 61 4.97 -1.76 -19.68
N SER B 62 3.80 -1.15 -19.80
CA SER B 62 2.61 -1.77 -19.20
C SER B 62 2.21 -2.98 -20.05
N PHE B 63 1.62 -3.96 -19.38
CA PHE B 63 1.32 -5.26 -19.97
C PHE B 63 -0.05 -5.27 -20.63
N TYR B 64 -0.21 -6.16 -21.60
CA TYR B 64 -1.54 -6.33 -22.17
C TYR B 64 -1.77 -7.80 -22.49
N LEU B 65 -3.05 -8.20 -22.45
CA LEU B 65 -3.46 -9.58 -22.71
C LEU B 65 -4.79 -9.58 -23.46
N LEU B 66 -5.03 -10.63 -24.25
CA LEU B 66 -6.33 -10.83 -24.89
C LEU B 66 -6.86 -12.19 -24.53
N TYR B 67 -8.04 -12.23 -23.91
CA TYR B 67 -8.74 -13.47 -23.59
C TYR B 67 -9.94 -13.59 -24.51
N TYR B 68 -10.21 -14.80 -25.00
CA TYR B 68 -11.33 -14.91 -25.92
C TYR B 68 -11.91 -16.32 -25.92
N THR B 69 -13.20 -16.41 -26.21
CA THR B 69 -13.85 -17.72 -26.30
C THR B 69 -14.97 -17.65 -27.32
N GLU B 70 -15.30 -18.81 -27.88
CA GLU B 70 -16.45 -18.91 -28.78
C GLU B 70 -17.74 -18.93 -27.98
N PHE B 71 -18.72 -18.15 -28.42
CA PHE B 71 -19.97 -18.06 -27.69
C PHE B 71 -21.13 -17.77 -28.63
N THR B 72 -22.34 -18.05 -28.13
CA THR B 72 -23.58 -17.76 -28.85
C THR B 72 -24.47 -16.81 -28.05
N PRO B 73 -24.56 -15.54 -28.47
CA PRO B 73 -25.41 -14.57 -27.79
C PRO B 73 -26.91 -14.81 -27.95
N THR B 74 -27.65 -14.58 -26.87
CA THR B 74 -29.10 -14.69 -26.85
C THR B 74 -29.72 -13.48 -26.17
N GLU B 75 -31.05 -13.43 -26.18
CA GLU B 75 -31.77 -12.28 -25.64
C GLU B 75 -31.52 -12.09 -24.15
N LYS B 76 -31.40 -13.19 -23.39
CA LYS B 76 -31.36 -13.08 -21.93
C LYS B 76 -30.00 -13.40 -21.31
N ASP B 77 -29.05 -13.96 -22.05
CA ASP B 77 -27.76 -14.32 -21.47
C ASP B 77 -26.87 -13.10 -21.28
N GLU B 78 -26.25 -13.00 -20.10
CA GLU B 78 -25.39 -11.89 -19.72
C GLU B 78 -23.94 -12.38 -19.66
N TYR B 79 -23.07 -11.74 -20.42
CA TYR B 79 -21.65 -12.09 -20.48
C TYR B 79 -20.82 -10.95 -19.89
N ALA B 80 -19.66 -11.31 -19.36
CA ALA B 80 -18.82 -10.31 -18.71
C ALA B 80 -17.39 -10.79 -18.72
N CYS B 81 -16.49 -9.89 -18.31
CA CYS B 81 -15.08 -10.18 -18.12
C CYS B 81 -14.76 -9.82 -16.67
N ARG B 82 -14.16 -10.74 -15.94
CA ARG B 82 -13.85 -10.54 -14.53
C ARG B 82 -12.34 -10.53 -14.35
N VAL B 83 -11.81 -9.46 -13.76
CA VAL B 83 -10.36 -9.29 -13.62
C VAL B 83 -10.00 -8.98 -12.17
N ASN B 84 -8.92 -9.58 -11.69
CA ASN B 84 -8.36 -9.22 -10.39
C ASN B 84 -6.86 -8.93 -10.54
N HIS B 85 -6.40 -7.93 -9.79
CA HIS B 85 -5.03 -7.42 -9.84
C HIS B 85 -4.65 -6.87 -8.47
N VAL B 86 -3.35 -6.75 -8.24
CA VAL B 86 -2.86 -6.19 -6.98
C VAL B 86 -3.43 -4.80 -6.76
N THR B 87 -3.60 -4.02 -7.84
CA THR B 87 -4.07 -2.64 -7.72
C THR B 87 -5.54 -2.54 -7.36
N LEU B 88 -6.26 -3.65 -7.29
CA LEU B 88 -7.71 -3.61 -7.16
C LEU B 88 -8.11 -4.05 -5.76
N SER B 89 -9.08 -3.34 -5.18
CA SER B 89 -9.61 -3.69 -3.87
C SER B 89 -10.51 -4.93 -3.92
N GLN B 90 -11.21 -5.10 -5.03
CA GLN B 90 -12.12 -6.19 -5.34
C GLN B 90 -11.89 -6.55 -6.80
N PRO B 91 -12.31 -7.74 -7.22
CA PRO B 91 -12.30 -8.04 -8.66
C PRO B 91 -13.28 -7.14 -9.41
N LYS B 92 -12.80 -6.56 -10.51
CA LYS B 92 -13.60 -5.69 -11.36
C LYS B 92 -14.22 -6.48 -12.52
N ILE B 93 -15.51 -6.23 -12.76
CA ILE B 93 -16.29 -6.90 -13.80
C ILE B 93 -16.74 -5.86 -14.81
N VAL B 94 -16.58 -6.18 -16.09
CA VAL B 94 -17.06 -5.34 -17.17
C VAL B 94 -18.01 -6.18 -17.99
N LYS B 95 -19.26 -5.74 -18.07
CA LYS B 95 -20.25 -6.51 -18.81
C LYS B 95 -20.07 -6.25 -20.29
N TRP B 96 -20.43 -7.25 -21.07
CA TRP B 96 -20.49 -7.10 -22.50
C TRP B 96 -21.81 -6.48 -22.90
N ASP B 97 -21.73 -5.53 -23.83
CA ASP B 97 -22.89 -4.85 -24.37
C ASP B 97 -22.60 -4.68 -25.84
N ARG B 98 -23.49 -5.15 -26.69
CA ARG B 98 -23.33 -4.93 -28.11
C ARG B 98 -23.51 -3.46 -28.52
N ASP B 99 -23.75 -2.57 -27.54
CA ASP B 99 -24.09 -1.16 -27.74
C ASP B 99 -25.40 -1.07 -28.53
N ARG C 3 -28.07 8.05 10.53
CA ARG C 3 -27.54 9.03 9.59
C ARG C 3 -26.05 9.38 9.78
N LEU C 4 -25.47 9.16 10.97
CA LEU C 4 -24.08 9.50 11.22
C LEU C 4 -23.25 8.26 11.52
N PHE C 5 -22.29 7.98 10.65
CA PHE C 5 -21.41 6.82 10.80
C PHE C 5 -19.96 7.27 10.80
N PRO C 6 -19.28 7.22 11.93
CA PRO C 6 -17.86 7.55 11.97
C PRO C 6 -16.99 6.45 11.39
N LEU C 7 -15.92 6.86 10.72
CA LEU C 7 -14.92 5.94 10.18
C LEU C 7 -13.71 5.91 11.11
N ARG C 8 -13.39 4.73 11.65
CA ARG C 8 -12.24 4.54 12.53
C ARG C 8 -11.36 3.48 11.90
N CYS C 9 -10.08 3.84 11.62
CA CYS C 9 -9.10 2.93 11.04
C CYS C 9 -8.13 2.47 12.12
N LEU C 10 -8.08 1.16 12.37
CA LEU C 10 -7.31 0.60 13.46
C LEU C 10 -6.05 -0.10 12.95
N GLN C 11 -4.98 0.00 13.72
CA GLN C 11 -3.69 -0.61 13.39
C GLN C 11 -3.10 -1.23 14.65
N ILE C 12 -2.66 -2.47 14.54
CA ILE C 12 -2.06 -3.20 15.65
C ILE C 12 -0.70 -3.66 15.18
N SER C 13 0.35 -3.12 15.79
CA SER C 13 1.73 -3.50 15.44
C SER C 13 2.37 -4.16 16.65
N SER C 14 2.88 -5.38 16.47
CA SER C 14 3.48 -6.16 17.54
C SER C 14 4.95 -6.35 17.23
N PHE C 15 5.78 -6.11 18.24
CA PHE C 15 7.23 -6.26 18.12
C PHE C 15 7.62 -7.21 19.25
N ALA C 16 7.86 -8.49 18.92
CA ALA C 16 8.22 -9.47 19.92
C ALA C 16 9.66 -9.31 20.38
N ASN C 17 10.53 -8.90 19.47
CA ASN C 17 11.94 -8.64 19.75
C ASN C 17 12.44 -7.80 18.58
N SER C 18 13.76 -7.69 18.47
CA SER C 18 14.36 -6.82 17.48
C SER C 18 14.14 -7.32 16.05
N SER C 19 13.73 -8.58 15.86
CA SER C 19 13.53 -9.14 14.53
C SER C 19 12.09 -9.44 14.22
N TRP C 20 11.38 -10.12 15.12
CA TRP C 20 9.99 -10.52 14.86
C TRP C 20 9.02 -9.35 15.03
N THR C 21 8.20 -9.10 14.01
CA THR C 21 7.21 -8.03 14.07
C THR C 21 6.04 -8.38 13.17
N ARG C 22 4.87 -7.82 13.48
CA ARG C 22 3.68 -8.01 12.66
C ARG C 22 2.81 -6.77 12.77
N THR C 23 2.17 -6.40 11.67
CA THR C 23 1.26 -5.24 11.61
C THR C 23 0.00 -5.65 10.86
N ASP C 24 -1.16 -5.39 11.47
CA ASP C 24 -2.45 -5.71 10.88
C ASP C 24 -3.39 -4.52 11.02
N GLY C 25 -4.34 -4.42 10.09
CA GLY C 25 -5.22 -3.27 10.04
C GLY C 25 -6.63 -3.65 9.66
N LEU C 26 -7.55 -2.75 10.01
CA LEU C 26 -8.97 -2.92 9.71
C LEU C 26 -9.60 -1.55 9.74
N ALA C 27 -10.81 -1.45 9.19
CA ALA C 27 -11.55 -0.21 9.22
C ALA C 27 -13.03 -0.47 9.48
N TRP C 28 -13.65 0.40 10.28
CA TRP C 28 -15.06 0.31 10.67
C TRP C 28 -15.79 1.55 10.19
N LEU C 29 -16.98 1.36 9.61
CA LEU C 29 -17.90 2.44 9.29
C LEU C 29 -19.11 2.25 10.19
N GLY C 30 -19.19 3.02 11.26
CA GLY C 30 -20.19 2.77 12.27
C GLY C 30 -19.90 1.45 12.94
N GLU C 31 -20.83 0.50 12.83
CA GLU C 31 -20.59 -0.80 13.43
C GLU C 31 -20.10 -1.85 12.43
N LEU C 32 -20.06 -1.53 11.13
CA LEU C 32 -19.69 -2.50 10.11
C LEU C 32 -18.20 -2.43 9.80
N GLN C 33 -17.57 -3.61 9.66
CA GLN C 33 -16.17 -3.68 9.24
C GLN C 33 -16.12 -3.66 7.72
N THR C 34 -15.52 -2.62 7.17
CA THR C 34 -15.46 -2.42 5.74
C THR C 34 -14.17 -2.89 5.10
N HIS C 35 -13.06 -2.85 5.84
CA HIS C 35 -11.77 -3.19 5.26
C HIS C 35 -10.97 -4.07 6.21
N SER C 36 -10.00 -4.75 5.61
CA SER C 36 -9.10 -5.67 6.29
C SER C 36 -7.72 -5.47 5.70
N TRP C 37 -6.68 -5.62 6.53
CA TRP C 37 -5.30 -5.43 6.08
C TRP C 37 -4.40 -6.41 6.84
N SER C 38 -3.83 -7.39 6.15
CA SER C 38 -3.00 -8.39 6.79
C SER C 38 -1.52 -8.12 6.55
N ASN C 39 -0.71 -8.54 7.52
CA ASN C 39 0.73 -8.38 7.39
C ASN C 39 1.22 -9.07 6.13
N ASP C 40 0.68 -10.28 5.86
CA ASP C 40 1.08 -11.11 4.73
C ASP C 40 0.70 -10.48 3.39
N SER C 41 -0.31 -9.63 3.36
CA SER C 41 -0.87 -9.05 2.15
C SER C 41 -0.21 -7.72 1.76
N ASP C 42 -0.32 -7.39 0.47
CA ASP C 42 0.17 -6.16 -0.12
C ASP C 42 -0.98 -5.26 -0.52
N THR C 43 -2.21 -5.65 -0.19
CA THR C 43 -3.42 -4.94 -0.57
C THR C 43 -4.28 -4.74 0.68
N VAL C 44 -5.00 -3.64 0.70
CA VAL C 44 -6.03 -3.44 1.72
C VAL C 44 -7.33 -4.00 1.13
N ARG C 45 -7.84 -5.08 1.72
CA ARG C 45 -8.99 -5.77 1.15
C ARG C 45 -10.30 -5.05 1.49
N SER C 46 -11.23 -5.09 0.53
CA SER C 46 -12.57 -4.59 0.74
C SER C 46 -13.43 -5.73 1.27
N LEU C 47 -14.17 -5.48 2.35
CA LEU C 47 -14.99 -6.55 2.90
C LEU C 47 -16.43 -6.52 2.40
N LYS C 48 -16.89 -5.37 1.89
CA LYS C 48 -18.22 -5.19 1.34
C LYS C 48 -18.12 -4.81 -0.14
N PRO C 49 -19.14 -5.09 -0.95
CA PRO C 49 -19.07 -4.67 -2.36
C PRO C 49 -18.95 -3.17 -2.53
N TRP C 50 -19.36 -2.39 -1.54
CA TRP C 50 -19.40 -0.94 -1.62
C TRP C 50 -18.26 -0.29 -0.86
N SER C 51 -17.24 -1.06 -0.50
CA SER C 51 -16.17 -0.58 0.36
C SER C 51 -15.36 0.53 -0.29
N GLN C 52 -15.28 0.58 -1.62
CA GLN C 52 -14.44 1.61 -2.24
C GLN C 52 -15.10 2.98 -2.29
N GLY C 53 -16.32 3.12 -1.78
CA GLY C 53 -16.97 4.43 -1.86
C GLY C 53 -17.19 4.83 -3.31
N THR C 54 -16.88 6.08 -3.62
CA THR C 54 -16.92 6.63 -4.98
C THR C 54 -15.52 6.87 -5.55
N PHE C 55 -14.49 6.23 -4.99
CA PHE C 55 -13.13 6.45 -5.44
C PHE C 55 -12.84 5.67 -6.72
N SER C 56 -12.14 6.31 -7.64
CA SER C 56 -11.65 5.62 -8.83
C SER C 56 -10.62 4.56 -8.46
N ASP C 57 -10.46 3.60 -9.37
CA ASP C 57 -9.46 2.55 -9.17
C ASP C 57 -8.07 3.12 -9.01
N GLN C 58 -7.72 4.14 -9.82
CA GLN C 58 -6.42 4.79 -9.67
C GLN C 58 -6.33 5.55 -8.35
N GLN C 59 -7.45 6.14 -7.89
CA GLN C 59 -7.43 6.83 -6.61
C GLN C 59 -7.27 5.85 -5.46
N TRP C 60 -7.97 4.72 -5.51
CA TRP C 60 -7.78 3.72 -4.46
C TRP C 60 -6.35 3.20 -4.46
N GLU C 61 -5.74 3.05 -5.64
CA GLU C 61 -4.38 2.51 -5.67
C GLU C 61 -3.37 3.48 -5.05
N THR C 62 -3.54 4.80 -5.26
CA THR C 62 -2.59 5.71 -4.63
C THR C 62 -2.69 5.69 -3.10
N LEU C 63 -3.89 5.47 -2.55
CA LEU C 63 -3.97 5.22 -1.11
C LEU C 63 -3.24 3.95 -0.74
N GLN C 64 -3.47 2.87 -1.51
CA GLN C 64 -2.73 1.64 -1.22
C GLN C 64 -1.23 1.89 -1.21
N HIS C 65 -0.77 2.78 -2.09
CA HIS C 65 0.65 3.10 -2.11
C HIS C 65 1.08 3.79 -0.82
N ILE C 66 0.24 4.70 -0.31
CA ILE C 66 0.55 5.40 0.94
C ILE C 66 0.59 4.44 2.12
N PHE C 67 -0.40 3.56 2.22
CA PHE C 67 -0.41 2.59 3.32
C PHE C 67 0.78 1.64 3.22
N ARG C 68 1.16 1.26 2.00
CA ARG C 68 2.30 0.37 1.81
C ARG C 68 3.59 0.97 2.35
N VAL C 69 3.87 2.24 2.02
CA VAL C 69 5.07 2.90 2.50
C VAL C 69 4.96 3.18 3.99
N TYR C 70 3.76 3.55 4.45
CA TYR C 70 3.55 3.79 5.87
C TYR C 70 3.87 2.55 6.70
N ARG C 71 3.40 1.38 6.27
CA ARG C 71 3.62 0.17 7.07
C ARG C 71 5.11 -0.15 7.21
N SER C 72 5.85 -0.17 6.09
CA SER C 72 7.31 -0.38 6.15
C SER C 72 7.99 0.65 7.04
N SER C 73 7.61 1.92 6.90
CA SER C 73 8.34 2.98 7.56
C SER C 73 8.02 3.02 9.05
N PHE C 74 6.75 2.83 9.40
CA PHE C 74 6.35 2.71 10.80
C PHE C 74 7.16 1.63 11.51
N THR C 75 7.21 0.42 10.93
CA THR C 75 7.98 -0.69 11.51
C THR C 75 9.46 -0.32 11.71
N ARG C 76 10.05 0.36 10.72
CA ARG C 76 11.45 0.74 10.83
C ARG C 76 11.62 1.83 11.91
N ASP C 77 10.63 2.72 12.04
CA ASP C 77 10.70 3.80 13.03
C ASP C 77 10.65 3.26 14.46
N VAL C 78 9.67 2.41 14.75
CA VAL C 78 9.57 1.83 16.09
C VAL C 78 10.88 1.12 16.46
N LYS C 79 11.43 0.33 15.54
CA LYS C 79 12.65 -0.40 15.85
C LYS C 79 13.82 0.55 16.04
N GLU C 80 13.88 1.66 15.29
CA GLU C 80 15.00 2.58 15.48
C GLU C 80 14.85 3.40 16.76
N PHE C 81 13.60 3.81 17.07
CA PHE C 81 13.32 4.49 18.33
C PHE C 81 13.64 3.59 19.52
N ALA C 82 13.30 2.30 19.44
CA ALA C 82 13.56 1.40 20.56
C ALA C 82 15.06 1.31 20.82
N LYS C 83 15.86 1.37 19.76
CA LYS C 83 17.29 1.33 19.88
C LYS C 83 17.83 2.65 20.43
N MET C 84 17.37 3.76 19.86
CA MET C 84 17.85 5.09 20.22
C MET C 84 17.44 5.48 21.63
N LEU C 85 16.18 5.21 22.00
CA LEU C 85 15.65 5.56 23.31
C LEU C 85 15.88 4.42 24.29
N ARG C 86 16.44 3.31 23.84
CA ARG C 86 16.69 2.12 24.70
C ARG C 86 15.39 1.66 25.35
N LEU C 87 14.40 1.33 24.54
CA LEU C 87 13.18 0.76 25.08
C LEU C 87 13.33 -0.75 25.07
N SER C 88 12.57 -1.42 25.92
CA SER C 88 12.67 -2.85 26.10
C SER C 88 11.53 -3.59 25.39
N TYR C 89 11.89 -4.59 24.60
CA TYR C 89 10.89 -5.44 23.96
C TYR C 89 10.32 -6.41 24.97
N PRO C 90 9.10 -6.94 24.72
CA PRO C 90 8.22 -6.66 23.58
C PRO C 90 7.41 -5.35 23.63
N LEU C 91 7.13 -4.79 22.45
CA LEU C 91 6.35 -3.58 22.26
C LEU C 91 5.05 -3.91 21.55
N GLU C 92 4.05 -3.12 21.85
CA GLU C 92 2.77 -3.24 21.16
C GLU C 92 2.27 -1.83 20.94
N LEU C 93 2.08 -1.45 19.69
CA LEU C 93 1.63 -0.12 19.32
C LEU C 93 0.29 -0.28 18.64
N GLN C 94 -0.60 0.68 18.89
CA GLN C 94 -1.92 0.72 18.30
C GLN C 94 -2.17 2.11 17.79
N VAL C 95 -2.84 2.21 16.62
CA VAL C 95 -3.24 3.51 16.07
C VAL C 95 -4.73 3.49 15.84
N SER C 96 -5.38 4.62 16.06
CA SER C 96 -6.81 4.81 15.85
C SER C 96 -7.01 6.12 15.09
N ALA C 97 -7.23 6.05 13.76
CA ALA C 97 -7.39 7.25 12.95
C ALA C 97 -8.71 7.27 12.17
N GLY C 98 -9.19 8.44 11.82
CA GLY C 98 -10.41 8.55 11.03
C GLY C 98 -11.03 9.92 11.10
N CYS C 99 -12.28 10.00 10.64
CA CYS C 99 -13.02 11.27 10.60
C CYS C 99 -14.51 10.98 10.73
N GLU C 100 -15.26 12.05 10.99
CA GLU C 100 -16.72 12.06 10.97
C GLU C 100 -17.20 13.11 9.99
N VAL C 101 -18.18 12.75 9.18
CA VAL C 101 -18.76 13.70 8.24
C VAL C 101 -19.91 14.43 8.93
N HIS C 102 -20.01 15.74 8.67
CA HIS C 102 -21.07 16.63 9.12
C HIS C 102 -21.48 17.47 7.92
N PRO C 103 -22.56 18.26 8.02
CA PRO C 103 -22.93 19.13 6.88
C PRO C 103 -21.88 20.22 6.65
N GLY C 104 -21.43 20.32 5.39
CA GLY C 104 -20.37 21.23 5.01
C GLY C 104 -19.07 20.52 4.65
N ALA C 106 -18.87 21.21 8.03
CA ALA C 106 -17.92 20.90 9.10
C ALA C 106 -17.47 19.43 9.04
N SER C 107 -16.39 19.11 9.77
CA SER C 107 -15.92 17.74 9.91
C SER C 107 -14.77 17.72 10.91
N ASN C 108 -14.73 16.67 11.73
CA ASN C 108 -13.68 16.53 12.72
C ASN C 108 -12.98 15.19 12.52
N ASN C 109 -11.67 15.17 12.75
CA ASN C 109 -10.83 13.99 12.52
C ASN C 109 -9.96 13.76 13.73
N PHE C 110 -9.21 12.65 13.69
CA PHE C 110 -8.39 12.27 14.84
C PHE C 110 -7.33 11.28 14.39
N PHE C 111 -6.24 11.21 15.18
CA PHE C 111 -5.14 10.27 14.92
C PHE C 111 -4.42 10.06 16.26
N HIS C 112 -4.74 8.97 16.94
CA HIS C 112 -4.24 8.67 18.27
C HIS C 112 -3.31 7.47 18.25
N VAL C 113 -2.18 7.56 18.98
CA VAL C 113 -1.21 6.47 19.04
C VAL C 113 -1.10 5.99 20.48
N ALA C 114 -1.11 4.67 20.69
CA ALA C 114 -0.97 4.13 22.03
C ALA C 114 0.24 3.19 22.14
N PHE C 115 0.82 3.16 23.33
CA PHE C 115 1.98 2.33 23.65
C PHE C 115 1.63 1.52 24.89
N GLN C 116 1.75 0.19 24.77
CA GLN C 116 1.37 -0.77 25.82
C GLN C 116 -0.03 -0.50 26.37
N GLY C 117 -0.94 -0.10 25.49
CA GLY C 117 -2.33 0.10 25.87
C GLY C 117 -2.66 1.43 26.50
N LYS C 118 -1.81 2.45 26.34
CA LYS C 118 -2.06 3.79 26.88
C LYS C 118 -1.65 4.85 25.87
N ASP C 119 -2.46 5.90 25.76
CA ASP C 119 -2.17 6.99 24.81
C ASP C 119 -0.81 7.62 25.10
N ILE C 120 -0.05 7.87 24.04
CA ILE C 120 1.18 8.61 24.24
C ILE C 120 1.17 9.85 23.38
N LEU C 121 0.52 9.79 22.22
CA LEU C 121 0.54 10.98 21.38
C LEU C 121 -0.62 10.98 20.41
N SER C 122 -0.81 12.15 19.80
CA SER C 122 -1.83 12.31 18.78
C SER C 122 -1.40 13.45 17.86
N PHE C 123 -2.12 13.57 16.74
CA PHE C 123 -1.92 14.61 15.75
C PHE C 123 -2.94 15.73 15.98
N GLN C 124 -2.45 16.94 16.19
CA GLN C 124 -3.33 18.06 16.50
C GLN C 124 -2.97 19.20 15.55
N GLY C 125 -3.83 19.46 14.58
CA GLY C 125 -3.63 20.58 13.69
C GLY C 125 -2.59 20.33 12.62
N THR C 126 -1.31 20.58 12.94
CA THR C 126 -0.25 20.42 11.96
C THR C 126 0.88 19.49 12.39
N SER C 127 0.92 19.03 13.64
CA SER C 127 2.10 18.30 14.09
C SER C 127 1.72 17.27 15.15
N TRP C 128 2.72 16.51 15.58
CA TRP C 128 2.53 15.52 16.62
C TRP C 128 2.63 16.18 17.99
N GLU C 129 1.74 15.78 18.90
CA GLU C 129 1.66 16.31 20.26
C GLU C 129 1.52 15.18 21.28
N PRO C 130 2.23 15.25 22.40
CA PRO C 130 2.16 14.17 23.40
C PRO C 130 0.97 14.35 24.33
N THR C 131 0.57 13.25 24.94
CA THR C 131 -0.53 13.28 25.89
C THR C 131 -0.03 13.58 27.29
N GLN C 132 -0.98 13.92 28.15
CA GLN C 132 -0.67 14.43 29.47
C GLN C 132 0.19 13.45 30.27
N GLU C 133 -0.16 12.18 30.25
CA GLU C 133 0.51 11.19 31.10
C GLU C 133 1.44 10.30 30.28
N ALA C 134 2.03 10.87 29.29
CA ALA C 134 2.94 10.14 28.43
C ALA C 134 4.32 10.11 29.07
N PRO C 135 5.01 8.97 29.03
CA PRO C 135 6.35 8.90 29.63
C PRO C 135 7.29 9.90 28.99
N LEU C 136 8.32 10.27 29.75
CA LEU C 136 9.26 11.30 29.34
C LEU C 136 9.87 11.03 27.96
N TRP C 137 10.19 9.76 27.66
CA TRP C 137 10.90 9.48 26.43
C TRP C 137 10.07 9.82 25.18
N VAL C 138 8.73 9.90 25.28
CA VAL C 138 7.88 10.21 24.13
C VAL C 138 8.19 11.60 23.58
N ASN C 139 8.63 12.51 24.43
CA ASN C 139 8.95 13.85 23.98
C ASN C 139 10.22 13.87 23.14
N LEU C 140 11.14 12.93 23.36
CA LEU C 140 12.29 12.88 22.46
C LEU C 140 11.86 12.36 21.11
N ALA C 141 10.86 11.48 21.07
CA ALA C 141 10.40 10.94 19.80
C ALA C 141 9.61 11.95 19.00
N ILE C 142 8.74 12.73 19.64
CA ILE C 142 7.97 13.72 18.84
C ILE C 142 8.92 14.73 18.22
N GLN C 143 10.04 15.02 18.86
CA GLN C 143 10.97 15.98 18.27
C GLN C 143 11.48 15.48 16.93
N VAL C 144 11.85 14.20 16.85
CA VAL C 144 12.30 13.64 15.59
C VAL C 144 11.17 13.65 14.57
N LEU C 145 9.97 13.25 15.00
CA LEU C 145 8.84 13.17 14.06
C LEU C 145 8.48 14.54 13.52
N ASN C 146 8.54 15.58 14.36
CA ASN C 146 8.08 16.86 13.88
C ASN C 146 9.07 17.55 12.94
N GLN C 147 10.24 16.95 12.69
CA GLN C 147 11.12 17.46 11.63
C GLN C 147 10.76 16.91 10.26
N ASP C 148 9.87 15.92 10.19
CA ASP C 148 9.48 15.29 8.93
C ASP C 148 8.26 16.03 8.39
N LYS C 149 8.53 17.21 7.82
CA LYS C 149 7.47 18.10 7.37
C LYS C 149 6.59 17.41 6.33
N TRP C 150 7.19 16.62 5.44
CA TRP C 150 6.42 15.97 4.39
C TRP C 150 5.37 15.05 4.99
N THR C 151 5.75 14.27 6.00
CA THR C 151 4.78 13.39 6.65
C THR C 151 3.68 14.17 7.37
N ARG C 152 4.03 15.30 7.99
CA ARG C 152 3.03 16.10 8.69
C ARG C 152 2.01 16.67 7.71
N GLU C 153 2.47 17.15 6.56
CA GLU C 153 1.55 17.63 5.53
C GLU C 153 0.68 16.51 4.98
N THR C 154 1.26 15.33 4.74
CA THR C 154 0.52 14.18 4.24
C THR C 154 -0.54 13.71 5.23
N VAL C 155 -0.21 13.67 6.53
CA VAL C 155 -1.20 13.29 7.53
C VAL C 155 -2.34 14.30 7.56
N GLN C 156 -1.99 15.59 7.47
CA GLN C 156 -3.02 16.61 7.50
C GLN C 156 -3.95 16.46 6.32
N TRP C 157 -3.39 16.39 5.10
CA TRP C 157 -4.20 16.17 3.91
C TRP C 157 -5.05 14.89 4.01
N LEU C 158 -4.54 13.84 4.68
CA LEU C 158 -5.31 12.60 4.76
C LEU C 158 -6.54 12.76 5.65
N LEU C 159 -6.39 13.41 6.80
CA LEU C 159 -7.50 13.51 7.73
C LEU C 159 -8.46 14.62 7.31
N ASN C 160 -7.93 15.72 6.79
CA ASN C 160 -8.76 16.89 6.50
C ASN C 160 -9.35 16.88 5.11
N GLY C 161 -8.75 16.12 4.18
CA GLY C 161 -9.24 16.09 2.83
C GLY C 161 -9.61 14.69 2.37
N THR C 162 -8.64 13.77 2.36
CA THR C 162 -8.89 12.45 1.82
C THR C 162 -9.98 11.72 2.59
N CYS C 163 -9.86 11.69 3.92
CA CYS C 163 -10.81 10.92 4.74
C CYS C 163 -12.25 11.40 4.61
N PRO C 164 -12.57 12.69 4.77
CA PRO C 164 -13.99 13.07 4.71
C PRO C 164 -14.61 12.84 3.35
N GLN C 165 -13.83 13.06 2.29
CA GLN C 165 -14.29 12.83 0.94
C GLN C 165 -14.52 11.35 0.67
N PHE C 166 -13.74 10.48 1.34
CA PHE C 166 -13.93 9.06 1.20
C PHE C 166 -15.19 8.59 1.94
N VAL C 167 -15.43 9.09 3.17
CA VAL C 167 -16.57 8.65 3.96
C VAL C 167 -17.90 9.05 3.33
N SER C 168 -17.96 10.24 2.72
CA SER C 168 -19.23 10.67 2.14
C SER C 168 -19.59 9.84 0.90
N GLY C 169 -18.60 9.38 0.15
CA GLY C 169 -18.86 8.41 -0.90
C GLY C 169 -19.23 7.07 -0.31
N LEU C 170 -18.65 6.71 0.83
CA LEU C 170 -19.00 5.47 1.49
C LEU C 170 -20.46 5.48 1.95
N LEU C 171 -20.97 6.67 2.27
CA LEU C 171 -22.31 6.80 2.84
C LEU C 171 -23.41 6.65 1.80
N GLU C 172 -23.16 7.07 0.55
CA GLU C 172 -24.13 6.81 -0.49
C GLU C 172 -24.00 5.40 -1.04
N SER C 173 -22.75 4.96 -1.26
CA SER C 173 -22.50 3.64 -1.85
C SER C 173 -23.03 2.53 -0.95
N GLY C 174 -22.89 2.68 0.37
CA GLY C 174 -23.41 1.68 1.29
C GLY C 174 -24.74 2.08 1.89
N LYS C 175 -25.47 2.96 1.18
CA LYS C 175 -26.74 3.47 1.67
C LYS C 175 -27.66 2.36 2.13
N SER C 176 -27.69 1.24 1.38
CA SER C 176 -28.69 0.22 1.62
C SER C 176 -28.34 -0.68 2.79
N GLU C 177 -27.07 -1.13 2.88
CA GLU C 177 -26.70 -1.96 4.01
C GLU C 177 -26.73 -1.18 5.32
N LEU C 178 -26.48 0.13 5.27
CA LEU C 178 -26.49 0.90 6.50
C LEU C 178 -27.91 1.09 7.04
N LYS C 179 -28.94 1.02 6.20
CA LYS C 179 -30.33 1.14 6.61
C LYS C 179 -31.04 -0.21 6.81
N LYS C 180 -30.34 -1.34 6.64
CA LYS C 180 -30.95 -2.66 6.81
C LYS C 180 -31.42 -2.89 8.25
N GLN C 181 -32.51 -3.65 8.40
CA GLN C 181 -33.16 -3.89 9.69
C GLN C 181 -33.42 -5.39 9.84
N VAL C 182 -32.88 -6.00 10.90
CA VAL C 182 -33.01 -7.43 11.13
C VAL C 182 -33.67 -7.63 12.50
N LYS C 183 -34.83 -8.33 12.49
CA LYS C 183 -35.66 -8.52 13.69
C LYS C 183 -35.07 -9.61 14.60
N PRO C 184 -34.97 -9.36 15.91
CA PRO C 184 -34.47 -10.38 16.84
C PRO C 184 -35.53 -11.43 17.22
N LYS C 185 -35.04 -12.48 17.91
CA LYS C 185 -35.85 -13.53 18.52
C LYS C 185 -35.52 -13.60 20.01
N ALA C 186 -36.52 -13.93 20.84
CA ALA C 186 -36.33 -13.96 22.28
C ALA C 186 -36.88 -15.24 22.92
N TRP C 187 -36.21 -15.64 24.00
CA TRP C 187 -36.61 -16.80 24.81
C TRP C 187 -36.04 -16.65 26.22
N LEU C 188 -36.57 -17.45 27.15
CA LEU C 188 -36.17 -17.42 28.57
C LEU C 188 -35.48 -18.71 29.00
N SER C 189 -35.01 -18.66 30.25
CA SER C 189 -34.22 -19.69 30.92
C SER C 189 -34.17 -19.30 32.40
N ARG C 190 -33.71 -20.23 33.23
CA ARG C 190 -33.56 -19.99 34.67
C ARG C 190 -32.07 -20.05 35.07
N GLY C 191 -31.68 -19.21 36.00
CA GLY C 191 -30.31 -19.22 36.46
C GLY C 191 -30.18 -19.72 37.89
N PRO C 192 -28.95 -19.90 38.35
CA PRO C 192 -28.74 -20.41 39.72
C PRO C 192 -28.61 -19.32 40.78
N SER C 193 -29.56 -19.23 41.72
CA SER C 193 -29.50 -18.18 42.73
C SER C 193 -29.81 -18.89 44.06
N PRO C 194 -29.65 -18.25 45.25
CA PRO C 194 -29.97 -18.99 46.50
C PRO C 194 -31.41 -19.48 46.61
N LEU C 199 -35.17 -17.47 42.77
CA LEU C 199 -34.22 -17.92 41.74
C LEU C 199 -33.65 -16.75 40.90
N LEU C 200 -33.39 -16.99 39.60
CA LEU C 200 -32.79 -15.98 38.72
C LEU C 200 -33.38 -16.14 37.32
N LEU C 201 -34.12 -15.13 36.86
CA LEU C 201 -34.79 -15.18 35.57
C LEU C 201 -33.90 -14.60 34.49
N VAL C 202 -33.80 -15.28 33.34
CA VAL C 202 -32.93 -14.89 32.23
C VAL C 202 -33.75 -14.65 30.97
N CYS C 203 -33.52 -13.50 30.32
CA CYS C 203 -34.13 -13.17 29.04
C CYS C 203 -33.05 -13.11 27.97
N HIS C 204 -33.17 -13.96 26.96
CA HIS C 204 -32.24 -14.01 25.83
C HIS C 204 -32.84 -13.31 24.62
N VAL C 205 -32.08 -12.42 23.99
CA VAL C 205 -32.46 -11.75 22.76
C VAL C 205 -31.28 -11.87 21.80
N SER C 206 -31.50 -12.51 20.65
CA SER C 206 -30.41 -12.73 19.70
C SER C 206 -30.85 -12.38 18.28
N GLY C 207 -29.87 -12.00 17.46
CA GLY C 207 -30.09 -11.78 16.04
C GLY C 207 -30.57 -10.42 15.60
N PHE C 208 -30.37 -9.37 16.39
CA PHE C 208 -30.81 -8.05 15.94
C PHE C 208 -29.70 -7.30 15.22
N TYR C 209 -30.10 -6.41 14.31
CA TYR C 209 -29.25 -5.50 13.59
C TYR C 209 -30.17 -4.36 13.16
N PRO C 210 -29.81 -3.09 13.39
CA PRO C 210 -28.54 -2.61 13.92
C PRO C 210 -28.44 -2.80 15.43
N LYS C 211 -27.35 -2.28 16.01
CA LYS C 211 -27.00 -2.48 17.42
C LYS C 211 -27.95 -1.85 18.44
N PRO C 212 -28.50 -0.64 18.22
CA PRO C 212 -29.35 -0.02 19.27
C PRO C 212 -30.54 -0.91 19.63
N VAL C 213 -30.68 -1.20 20.92
CA VAL C 213 -31.77 -2.05 21.42
C VAL C 213 -32.16 -1.61 22.82
N TRP C 214 -33.38 -1.99 23.23
CA TRP C 214 -33.92 -1.73 24.55
C TRP C 214 -34.57 -2.98 25.12
N VAL C 215 -34.07 -3.47 26.26
CA VAL C 215 -34.54 -4.69 26.90
C VAL C 215 -34.58 -4.50 28.42
N LYS C 216 -35.75 -4.69 29.02
CA LYS C 216 -35.91 -4.63 30.47
C LYS C 216 -37.03 -5.58 30.88
N TRP C 217 -36.97 -6.00 32.15
CA TRP C 217 -38.04 -6.77 32.78
C TRP C 217 -39.13 -5.84 33.31
N MET C 218 -40.39 -6.26 33.16
CA MET C 218 -41.53 -5.40 33.48
C MET C 218 -42.54 -6.15 34.33
N ARG C 219 -43.31 -5.40 35.11
CA ARG C 219 -44.51 -5.89 35.77
C ARG C 219 -45.65 -4.98 35.32
N GLY C 220 -46.33 -5.36 34.24
CA GLY C 220 -47.27 -4.46 33.60
C GLY C 220 -46.55 -3.36 32.85
N GLU C 221 -46.85 -2.10 33.17
CA GLU C 221 -46.16 -0.98 32.54
C GLU C 221 -45.12 -0.33 33.46
N GLN C 222 -44.88 -0.92 34.63
CA GLN C 222 -43.85 -0.46 35.56
C GLN C 222 -42.57 -1.22 35.27
N GLU C 223 -41.55 -0.50 34.79
CA GLU C 223 -40.26 -1.11 34.55
C GLU C 223 -39.60 -1.49 35.87
N GLN C 224 -39.01 -2.68 35.91
CA GLN C 224 -38.31 -3.18 37.09
C GLN C 224 -36.87 -2.66 37.03
N GLN C 225 -36.57 -1.64 37.82
CA GLN C 225 -35.27 -0.99 37.72
C GLN C 225 -34.14 -1.93 38.11
N GLY C 226 -34.46 -3.12 38.63
CA GLY C 226 -33.50 -4.16 38.95
C GLY C 226 -33.03 -5.00 37.79
N THR C 227 -33.53 -4.76 36.57
CA THR C 227 -33.04 -5.49 35.40
C THR C 227 -31.55 -5.23 35.21
N GLN C 228 -30.77 -6.31 35.09
CA GLN C 228 -29.34 -6.17 34.82
C GLN C 228 -29.06 -6.70 33.42
N PRO C 229 -29.00 -5.85 32.40
CA PRO C 229 -28.66 -6.36 31.07
C PRO C 229 -27.15 -6.56 30.98
N GLY C 230 -26.76 -7.61 30.28
CA GLY C 230 -25.35 -7.90 30.10
C GLY C 230 -24.76 -7.02 29.03
N ASP C 231 -23.58 -7.41 28.55
CA ASP C 231 -23.01 -6.71 27.42
C ASP C 231 -23.75 -7.14 26.15
N ILE C 232 -23.73 -6.28 25.14
CA ILE C 232 -24.20 -6.66 23.82
C ILE C 232 -23.03 -7.32 23.10
N LEU C 233 -23.20 -8.63 22.74
CA LEU C 233 -22.19 -9.52 22.18
C LEU C 233 -22.45 -9.78 20.69
N PRO C 234 -21.40 -10.00 19.89
CA PRO C 234 -21.59 -10.20 18.44
C PRO C 234 -21.90 -11.64 18.07
N ASN C 235 -22.60 -11.77 16.95
CA ASN C 235 -22.80 -13.03 16.25
C ASN C 235 -21.97 -13.02 14.97
N ALA C 236 -21.63 -14.21 14.47
CA ALA C 236 -20.75 -14.28 13.30
C ALA C 236 -21.41 -13.74 12.04
N ASP C 237 -22.73 -13.63 12.02
CA ASP C 237 -23.45 -13.06 10.89
C ASP C 237 -23.67 -11.56 11.04
N GLU C 238 -22.93 -10.94 11.98
CA GLU C 238 -22.90 -9.50 12.27
C GLU C 238 -24.19 -9.00 12.93
N THR C 239 -24.95 -9.88 13.57
CA THR C 239 -26.04 -9.49 14.46
C THR C 239 -25.54 -9.50 15.90
N TRP C 240 -26.44 -9.25 16.85
CA TRP C 240 -26.05 -9.10 18.23
C TRP C 240 -26.92 -9.95 19.15
N TYR C 241 -26.42 -10.14 20.38
CA TYR C 241 -27.01 -10.97 21.42
C TYR C 241 -26.94 -10.25 22.76
N LEU C 242 -27.98 -10.42 23.58
CA LEU C 242 -28.08 -9.78 24.89
C LEU C 242 -28.79 -10.72 25.86
N ARG C 243 -28.36 -10.70 27.13
CA ARG C 243 -28.90 -11.56 28.16
C ARG C 243 -29.20 -10.71 29.40
N ALA C 244 -30.48 -10.41 29.62
CA ALA C 244 -30.94 -9.52 30.69
C ALA C 244 -31.52 -10.33 31.85
N THR C 245 -30.89 -10.23 33.02
CA THR C 245 -31.21 -11.09 34.15
C THR C 245 -31.95 -10.34 35.26
N LEU C 246 -32.74 -11.08 36.06
CA LEU C 246 -33.42 -10.49 37.22
C LEU C 246 -33.52 -11.55 38.33
N ASP C 247 -33.04 -11.18 39.52
CA ASP C 247 -33.03 -12.03 40.70
C ASP C 247 -34.13 -11.65 41.69
N VAL C 248 -35.02 -12.60 42.01
CA VAL C 248 -36.02 -12.38 43.03
C VAL C 248 -36.33 -13.69 43.78
N ALA C 253 -40.92 -14.00 42.87
CA ALA C 253 -42.10 -13.21 42.45
C ALA C 253 -42.57 -13.70 41.07
N ALA C 254 -43.77 -13.32 40.67
CA ALA C 254 -44.30 -13.84 39.38
C ALA C 254 -45.11 -12.76 38.66
N GLY C 255 -45.54 -13.05 37.44
CA GLY C 255 -46.34 -12.09 36.66
C GLY C 255 -45.45 -11.07 35.98
N LEU C 256 -44.14 -11.36 35.90
CA LEU C 256 -43.22 -10.43 35.26
C LEU C 256 -43.24 -10.65 33.74
N SER C 257 -42.50 -9.80 33.03
CA SER C 257 -42.42 -9.87 31.56
C SER C 257 -41.08 -9.34 31.11
N CYS C 258 -40.61 -9.83 29.97
CA CYS C 258 -39.44 -9.28 29.28
C CYS C 258 -39.95 -8.56 28.03
N ARG C 259 -39.62 -7.29 27.90
CA ARG C 259 -40.07 -6.47 26.78
C ARG C 259 -38.88 -6.08 25.92
N VAL C 260 -39.01 -6.27 24.60
CA VAL C 260 -37.93 -6.01 23.65
C VAL C 260 -38.41 -5.00 22.62
N LYS C 261 -37.78 -3.84 22.60
CA LYS C 261 -38.04 -2.80 21.61
C LYS C 261 -36.83 -2.70 20.70
N HIS C 262 -37.05 -2.68 19.40
CA HIS C 262 -35.95 -2.54 18.43
C HIS C 262 -36.49 -1.81 17.21
N SER C 263 -35.58 -1.18 16.46
CA SER C 263 -35.99 -0.37 15.32
C SER C 263 -36.64 -1.20 14.22
N SER C 264 -36.45 -2.52 14.24
CA SER C 264 -36.96 -3.42 13.22
C SER C 264 -38.37 -3.95 13.51
N LEU C 265 -38.88 -3.77 14.72
CA LEU C 265 -40.23 -4.19 15.08
C LEU C 265 -41.26 -3.10 14.87
N GLU C 266 -40.83 -1.87 14.64
CA GLU C 266 -41.71 -0.74 14.32
C GLU C 266 -42.91 -0.61 15.27
N GLY C 267 -42.66 -0.83 16.55
CA GLY C 267 -43.66 -0.62 17.57
C GLY C 267 -44.23 -1.88 18.18
N GLN C 268 -44.19 -3.01 17.45
CA GLN C 268 -44.68 -4.27 18.00
C GLN C 268 -43.54 -4.89 18.80
N ASP C 269 -43.48 -4.56 20.08
CA ASP C 269 -42.43 -5.07 20.95
C ASP C 269 -42.65 -6.56 21.24
N ILE C 270 -41.56 -7.32 21.26
CA ILE C 270 -41.62 -8.71 21.69
C ILE C 270 -41.92 -8.71 23.18
N VAL C 271 -43.13 -9.12 23.55
CA VAL C 271 -43.50 -9.22 24.96
C VAL C 271 -43.74 -10.67 25.24
N LEU C 272 -43.03 -11.20 26.22
CA LEU C 272 -43.23 -12.59 26.59
C LEU C 272 -43.20 -12.71 28.11
N TYR C 273 -43.95 -13.69 28.64
CA TYR C 273 -44.25 -13.80 30.06
C TYR C 273 -43.70 -15.09 30.66
N TRP C 274 -43.53 -15.07 31.98
CA TRP C 274 -43.02 -16.22 32.73
C TRP C 274 -44.14 -17.22 33.08
N ILE D 2 0.90 -2.54 33.13
CA ILE D 2 -0.42 -3.00 33.54
C ILE D 2 -1.05 -3.85 32.45
N GLN D 3 -1.21 -5.13 32.75
CA GLN D 3 -1.87 -6.08 31.87
C GLN D 3 -3.29 -6.33 32.37
N ARG D 4 -4.21 -6.54 31.43
CA ARG D 4 -5.64 -6.76 31.76
C ARG D 4 -6.00 -8.22 31.46
N THR D 5 -6.75 -8.88 32.35
CA THR D 5 -7.10 -10.27 32.12
C THR D 5 -8.38 -10.36 31.29
N PRO D 6 -8.48 -11.39 30.44
CA PRO D 6 -9.58 -11.46 29.48
C PRO D 6 -10.87 -11.93 30.13
N LYS D 7 -11.96 -11.30 29.71
CA LYS D 7 -13.30 -11.68 30.11
C LYS D 7 -13.84 -12.61 29.03
N ILE D 8 -14.42 -13.75 29.43
CA ILE D 8 -14.83 -14.79 28.49
C ILE D 8 -16.32 -15.07 28.64
N GLN D 9 -17.06 -14.96 27.53
CA GLN D 9 -18.51 -15.17 27.54
C GLN D 9 -18.89 -16.11 26.39
N VAL D 10 -19.66 -17.16 26.72
CA VAL D 10 -20.02 -18.23 25.78
C VAL D 10 -21.54 -18.26 25.61
N TYR D 11 -21.99 -18.35 24.37
CA TYR D 11 -23.41 -18.27 24.08
C TYR D 11 -23.68 -18.95 22.73
N SER D 12 -24.96 -19.23 22.47
CA SER D 12 -25.40 -19.85 21.23
C SER D 12 -26.11 -18.84 20.34
N ARG D 13 -25.94 -19.01 19.02
CA ARG D 13 -26.56 -18.08 18.08
C ARG D 13 -28.09 -18.15 18.16
N HIS D 14 -28.63 -19.35 18.20
CA HIS D 14 -30.05 -19.62 18.23
C HIS D 14 -30.43 -20.35 19.53
N PRO D 15 -31.72 -20.40 19.89
CA PRO D 15 -32.11 -21.17 21.08
C PRO D 15 -31.76 -22.64 20.91
N ALA D 16 -31.07 -23.21 21.89
CA ALA D 16 -30.60 -24.58 21.80
C ALA D 16 -31.77 -25.56 21.75
N GLU D 17 -31.86 -26.34 20.67
CA GLU D 17 -32.82 -27.45 20.56
C GLU D 17 -32.05 -28.71 20.20
N ASN D 18 -31.95 -29.65 21.16
CA ASN D 18 -31.10 -30.83 20.99
C ASN D 18 -31.32 -31.50 19.63
N GLY D 19 -30.25 -31.64 18.87
CA GLY D 19 -30.29 -32.29 17.58
C GLY D 19 -30.32 -31.34 16.40
N LYS D 20 -30.66 -30.07 16.60
CA LYS D 20 -30.54 -29.11 15.52
C LYS D 20 -29.20 -28.42 15.64
N SER D 21 -28.64 -28.04 14.50
CA SER D 21 -27.29 -27.54 14.53
C SER D 21 -27.32 -26.03 14.65
N ASN D 22 -26.41 -25.50 15.45
CA ASN D 22 -26.44 -24.13 15.95
C ASN D 22 -25.01 -23.65 15.97
N PHE D 23 -24.82 -22.36 16.22
CA PHE D 23 -23.46 -21.82 16.33
C PHE D 23 -23.12 -21.64 17.80
N LEU D 24 -21.89 -22.02 18.15
CA LEU D 24 -21.37 -21.83 19.49
C LEU D 24 -20.35 -20.69 19.46
N ASN D 25 -20.60 -19.66 20.25
CA ASN D 25 -19.80 -18.45 20.24
C ASN D 25 -19.01 -18.35 21.54
N CYS D 26 -17.77 -17.87 21.44
CA CYS D 26 -16.95 -17.55 22.62
C CYS D 26 -16.34 -16.18 22.41
N TYR D 27 -16.77 -15.19 23.19
CA TYR D 27 -16.32 -13.80 23.06
C TYR D 27 -15.27 -13.50 24.12
N VAL D 28 -14.07 -13.12 23.67
CA VAL D 28 -12.94 -12.83 24.53
C VAL D 28 -12.62 -11.35 24.40
N SER D 29 -12.59 -10.63 25.52
CA SER D 29 -12.49 -9.18 25.45
C SER D 29 -11.76 -8.63 26.67
N GLY D 30 -11.46 -7.34 26.61
CA GLY D 30 -10.88 -6.62 27.73
C GLY D 30 -9.47 -6.99 28.09
N PHE D 31 -8.71 -7.58 27.17
CA PHE D 31 -7.38 -8.08 27.47
C PHE D 31 -6.31 -7.23 26.79
N HIS D 32 -5.08 -7.31 27.34
CA HIS D 32 -3.91 -6.64 26.80
C HIS D 32 -2.67 -7.35 27.33
N PRO D 33 -1.67 -7.70 26.47
CA PRO D 33 -1.53 -7.44 25.03
C PRO D 33 -2.35 -8.41 24.16
N SER D 34 -2.08 -8.40 22.84
CA SER D 34 -2.98 -9.06 21.89
C SER D 34 -2.74 -10.56 21.77
N ASP D 35 -1.55 -11.06 22.08
CA ASP D 35 -1.27 -12.47 21.88
C ASP D 35 -2.14 -13.30 22.82
N ILE D 36 -2.95 -14.19 22.25
CA ILE D 36 -3.90 -14.99 23.02
C ILE D 36 -4.16 -16.31 22.30
N GLU D 37 -4.39 -17.36 23.10
CA GLU D 37 -4.70 -18.71 22.61
C GLU D 37 -6.08 -19.09 23.13
N VAL D 38 -7.04 -19.28 22.23
CA VAL D 38 -8.40 -19.65 22.58
C VAL D 38 -8.77 -20.94 21.85
N ASP D 39 -9.34 -21.88 22.59
CA ASP D 39 -9.80 -23.14 22.01
C ASP D 39 -11.22 -23.37 22.45
N LEU D 40 -11.97 -24.12 21.64
CA LEU D 40 -13.30 -24.59 21.98
C LEU D 40 -13.21 -26.07 22.32
N LEU D 41 -13.95 -26.50 23.36
CA LEU D 41 -13.84 -27.86 23.88
C LEU D 41 -15.16 -28.61 23.72
N LYS D 42 -15.06 -29.89 23.38
CA LYS D 42 -16.19 -30.83 23.36
C LYS D 42 -15.77 -31.97 24.29
N ASN D 43 -16.33 -32.00 25.50
CA ASN D 43 -15.92 -32.96 26.52
C ASN D 43 -14.42 -32.86 26.76
N GLY D 44 -13.93 -31.62 26.88
CA GLY D 44 -12.55 -31.36 27.16
C GLY D 44 -11.61 -31.50 25.97
N GLU D 45 -12.09 -32.01 24.84
CA GLU D 45 -11.26 -32.22 23.66
C GLU D 45 -11.43 -31.06 22.68
N ARG D 46 -10.31 -30.61 22.12
CA ARG D 46 -10.28 -29.43 21.27
C ARG D 46 -11.05 -29.65 19.96
N ILE D 47 -11.73 -28.59 19.47
CA ILE D 47 -12.48 -28.61 18.22
C ILE D 47 -11.58 -28.06 17.12
N GLU D 48 -11.62 -28.71 15.95
CA GLU D 48 -10.80 -28.32 14.81
C GLU D 48 -11.66 -27.51 13.83
N LYS D 49 -10.97 -26.82 12.92
CA LYS D 49 -11.62 -26.00 11.88
C LYS D 49 -12.48 -24.88 12.48
N VAL D 50 -11.98 -24.25 13.56
CA VAL D 50 -12.68 -23.15 14.22
C VAL D 50 -12.28 -21.83 13.58
N GLU D 51 -13.26 -20.96 13.31
CA GLU D 51 -13.08 -19.68 12.63
C GLU D 51 -13.11 -18.53 13.64
N HIS D 52 -12.53 -17.38 13.26
CA HIS D 52 -12.58 -16.23 14.17
C HIS D 52 -12.67 -14.89 13.44
N SER D 53 -13.09 -13.89 14.19
CA SER D 53 -13.17 -12.52 13.73
C SER D 53 -11.77 -11.92 13.62
N ASP D 54 -11.67 -10.84 12.85
CA ASP D 54 -10.43 -10.09 12.78
C ASP D 54 -10.20 -9.37 14.12
N LEU D 55 -8.99 -9.47 14.65
CA LEU D 55 -8.68 -8.88 15.94
C LEU D 55 -8.86 -7.36 15.91
N SER D 56 -9.58 -6.84 16.89
CA SER D 56 -9.99 -5.44 16.94
C SER D 56 -9.79 -4.93 18.38
N PHE D 57 -10.02 -3.63 18.60
CA PHE D 57 -9.94 -3.10 19.95
C PHE D 57 -10.89 -1.94 20.16
N SER D 58 -11.29 -1.76 21.42
CA SER D 58 -12.26 -0.73 21.87
C SER D 58 -11.56 0.58 22.22
N LYS D 59 -12.31 1.65 22.53
CA LYS D 59 -11.70 2.96 22.82
C LYS D 59 -10.60 2.86 23.87
N ASP D 60 -10.85 2.14 24.94
CA ASP D 60 -9.81 2.03 25.96
C ASP D 60 -8.61 1.14 25.52
N TRP D 61 -8.51 0.79 24.24
CA TRP D 61 -7.40 0.08 23.60
C TRP D 61 -7.31 -1.41 23.92
N SER D 62 -8.18 -1.97 24.75
CA SER D 62 -8.17 -3.41 25.00
C SER D 62 -8.77 -4.18 23.80
N PHE D 63 -8.25 -5.38 23.58
CA PHE D 63 -8.57 -6.15 22.39
C PHE D 63 -9.78 -7.04 22.61
N TYR D 64 -10.47 -7.36 21.51
CA TYR D 64 -11.56 -8.33 21.60
C TYR D 64 -11.56 -9.23 20.37
N LEU D 65 -12.06 -10.45 20.55
CA LEU D 65 -12.12 -11.47 19.51
C LEU D 65 -13.40 -12.27 19.68
N LEU D 66 -13.87 -12.83 18.58
CA LEU D 66 -15.01 -13.75 18.59
C LEU D 66 -14.57 -15.06 17.96
N TYR D 67 -14.72 -16.15 18.69
CA TYR D 67 -14.49 -17.48 18.13
C TYR D 67 -15.84 -18.16 17.97
N TYR D 68 -16.03 -18.84 16.85
CA TYR D 68 -17.31 -19.45 16.56
C TYR D 68 -17.12 -20.67 15.68
N THR D 69 -18.01 -21.66 15.85
CA THR D 69 -18.03 -22.87 15.04
C THR D 69 -19.45 -23.39 14.96
N GLU D 70 -19.67 -24.28 14.00
CA GLU D 70 -20.97 -24.94 13.88
C GLU D 70 -20.94 -26.12 14.84
N PHE D 71 -22.05 -26.37 15.49
CA PHE D 71 -22.12 -27.52 16.41
C PHE D 71 -23.59 -27.90 16.54
N THR D 72 -23.80 -29.13 16.96
CA THR D 72 -25.12 -29.71 17.16
C THR D 72 -25.24 -30.02 18.65
N PRO D 73 -26.04 -29.29 19.41
CA PRO D 73 -26.18 -29.64 20.83
C PRO D 73 -26.79 -31.02 20.96
N THR D 74 -26.27 -31.78 21.91
CA THR D 74 -26.71 -33.15 22.13
C THR D 74 -26.98 -33.38 23.61
N GLU D 75 -27.54 -34.55 23.88
CA GLU D 75 -27.92 -34.92 25.24
C GLU D 75 -26.67 -35.06 26.12
N ASP D 77 -23.36 -34.41 26.58
CA ASP D 77 -22.03 -33.85 26.29
C ASP D 77 -21.97 -32.35 26.60
N GLU D 78 -20.83 -31.96 27.17
CA GLU D 78 -20.60 -30.64 27.75
C GLU D 78 -19.60 -29.85 26.93
N TYR D 79 -19.94 -28.60 26.63
CA TYR D 79 -19.10 -27.72 25.82
C TYR D 79 -18.52 -26.61 26.67
N ALA D 80 -17.33 -26.14 26.28
CA ALA D 80 -16.65 -25.12 27.06
C ALA D 80 -15.70 -24.35 26.16
N CYS D 81 -15.19 -23.23 26.68
CA CYS D 81 -14.19 -22.39 26.04
C CYS D 81 -12.99 -22.26 26.97
N ARG D 82 -11.80 -22.58 26.46
CA ARG D 82 -10.56 -22.55 27.23
C ARG D 82 -9.63 -21.49 26.66
N VAL D 83 -9.15 -20.59 27.52
CA VAL D 83 -8.31 -19.47 27.12
C VAL D 83 -7.06 -19.45 27.99
N ASN D 84 -5.91 -19.16 27.36
CA ASN D 84 -4.66 -18.95 28.09
C ASN D 84 -4.03 -17.63 27.64
N HIS D 85 -3.50 -16.88 28.61
CA HIS D 85 -2.99 -15.54 28.37
C HIS D 85 -1.85 -15.30 29.35
N VAL D 86 -1.07 -14.25 29.06
CA VAL D 86 0.02 -13.88 29.97
C VAL D 86 -0.51 -13.65 31.38
N THR D 87 -1.69 -13.04 31.50
CA THR D 87 -2.25 -12.66 32.79
C THR D 87 -2.72 -13.82 33.66
N LEU D 88 -2.73 -15.05 33.15
CA LEU D 88 -3.36 -16.19 33.81
C LEU D 88 -2.32 -17.19 34.31
N SER D 89 -2.49 -17.64 35.56
CA SER D 89 -1.56 -18.62 36.10
C SER D 89 -1.78 -19.99 35.49
N GLN D 90 -3.04 -20.33 35.21
CA GLN D 90 -3.44 -21.57 34.57
C GLN D 90 -4.53 -21.24 33.56
N PRO D 91 -4.72 -22.07 32.53
CA PRO D 91 -5.74 -21.77 31.52
C PRO D 91 -7.14 -21.73 32.11
N LYS D 92 -7.86 -20.66 31.79
CA LYS D 92 -9.21 -20.46 32.32
C LYS D 92 -10.21 -21.10 31.37
N ILE D 93 -11.12 -21.89 31.92
CA ILE D 93 -12.17 -22.57 31.17
C ILE D 93 -13.50 -22.08 31.69
N VAL D 94 -14.39 -21.78 30.75
CA VAL D 94 -15.76 -21.37 31.11
C VAL D 94 -16.67 -22.32 30.36
N LYS D 95 -17.62 -22.92 31.06
CA LYS D 95 -18.54 -23.88 30.45
C LYS D 95 -19.73 -23.19 29.77
N TRP D 96 -20.29 -23.87 28.77
CA TRP D 96 -21.51 -23.42 28.12
C TRP D 96 -22.72 -23.87 28.93
N ASP D 97 -23.68 -22.96 29.10
CA ASP D 97 -24.89 -23.24 29.86
C ASP D 97 -26.08 -22.47 29.29
N ARG D 98 -27.23 -23.14 29.21
CA ARG D 98 -28.50 -22.51 28.84
C ARG D 98 -28.48 -21.91 27.43
N GLN E 1 16.90 0.12 43.62
CA GLN E 1 16.23 1.37 43.87
C GLN E 1 16.74 2.52 42.97
N VAL E 2 15.88 3.54 42.86
CA VAL E 2 16.08 4.73 42.04
C VAL E 2 15.96 5.93 42.96
N GLN E 3 16.81 6.94 42.78
CA GLN E 3 16.76 8.13 43.61
C GLN E 3 16.97 9.36 42.75
N LEU E 4 15.98 10.24 42.69
CA LEU E 4 16.08 11.51 41.98
C LEU E 4 15.97 12.65 42.99
N VAL E 5 17.03 13.42 43.15
CA VAL E 5 17.01 14.49 44.15
C VAL E 5 17.25 15.84 43.48
N GLU E 6 16.32 16.78 43.70
CA GLU E 6 16.38 18.11 43.13
C GLU E 6 17.07 19.07 44.10
N SER E 7 17.63 20.14 43.54
CA SER E 7 18.07 21.29 44.34
C SER E 7 18.05 22.49 43.41
N GLY E 8 18.33 23.65 43.98
CA GLY E 8 18.42 24.88 43.23
C GLY E 8 17.17 25.74 43.26
N GLY E 9 16.10 25.28 43.92
CA GLY E 9 14.92 26.10 44.03
C GLY E 9 15.12 27.30 44.94
N GLY E 10 14.19 28.24 44.86
CA GLY E 10 14.24 29.38 45.75
C GLY E 10 13.21 30.43 45.39
N LEU E 11 13.56 31.68 45.69
CA LEU E 11 12.69 32.83 45.48
C LEU E 11 13.53 33.91 44.82
N VAL E 12 13.02 34.49 43.73
CA VAL E 12 13.76 35.48 42.96
C VAL E 12 12.77 36.49 42.41
N GLN E 13 13.27 37.69 42.11
CA GLN E 13 12.46 38.75 41.55
C GLN E 13 12.04 38.42 40.12
N ALA E 14 10.94 39.03 39.67
CA ALA E 14 10.56 38.89 38.27
C ALA E 14 11.67 39.49 37.41
N GLY E 15 12.11 38.74 36.42
CA GLY E 15 13.26 39.12 35.63
C GLY E 15 14.52 38.37 36.00
N GLY E 16 14.61 37.83 37.22
CA GLY E 16 15.77 37.09 37.63
C GLY E 16 15.85 35.72 36.97
N SER E 17 16.98 35.07 37.21
CA SER E 17 17.28 33.74 36.71
C SER E 17 17.30 32.76 37.88
N LEU E 18 17.38 31.47 37.55
CA LEU E 18 17.54 30.41 38.53
C LEU E 18 18.07 29.20 37.79
N ARG E 19 18.93 28.40 38.44
CA ARG E 19 19.42 27.15 37.87
C ARG E 19 19.04 25.98 38.77
N LEU E 20 18.18 25.10 38.27
CA LEU E 20 17.82 23.90 39.02
C LEU E 20 18.72 22.76 38.61
N SER E 21 18.96 21.83 39.55
CA SER E 21 19.72 20.63 39.25
C SER E 21 18.96 19.42 39.77
N CYS E 22 19.33 18.26 39.21
CA CYS E 22 18.76 16.96 39.55
C CYS E 22 19.87 15.92 39.57
N ALA E 23 20.19 15.37 40.73
CA ALA E 23 21.19 14.31 40.85
C ALA E 23 20.53 12.94 40.87
N ALA E 24 20.98 12.06 39.97
CA ALA E 24 20.49 10.67 39.93
C ALA E 24 21.53 9.66 40.37
N SER E 25 22.63 10.09 41.00
CA SER E 25 23.77 9.19 41.13
C SER E 25 23.56 8.14 42.23
N GLY E 26 22.57 8.32 43.10
CA GLY E 26 22.27 7.29 44.07
C GLY E 26 21.64 6.05 43.47
N SER E 27 21.14 6.15 42.24
CA SER E 27 20.37 5.08 41.63
C SER E 27 21.26 3.91 41.26
N ILE E 28 20.73 2.71 41.44
CA ILE E 28 21.45 1.53 40.97
C ILE E 28 21.00 1.15 39.56
N PHE E 29 19.81 1.57 39.13
CA PHE E 29 19.42 1.38 37.75
C PHE E 29 20.07 2.44 36.86
N SER E 30 20.15 2.13 35.57
CA SER E 30 20.70 3.06 34.61
C SER E 30 19.63 4.06 34.17
N ILE E 31 20.07 5.31 33.95
CA ILE E 31 19.18 6.44 33.63
C ILE E 31 19.33 6.77 32.15
N ASN E 32 18.21 6.79 31.43
CA ASN E 32 18.19 6.95 29.98
C ASN E 32 17.89 8.35 29.51
N ALA E 33 16.89 8.98 30.10
CA ALA E 33 16.45 10.31 29.73
C ALA E 33 16.00 11.00 30.99
N MET E 34 16.31 12.29 31.06
CA MET E 34 15.99 13.10 32.21
C MET E 34 15.27 14.34 31.72
N GLY E 35 14.43 14.88 32.59
CA GLY E 35 13.66 16.05 32.18
C GLY E 35 13.01 16.71 33.36
N TRP E 36 12.23 17.73 33.06
CA TRP E 36 11.63 18.58 34.07
C TRP E 36 10.15 18.80 33.82
N TYR E 37 9.36 18.71 34.87
CA TYR E 37 7.96 19.08 34.83
C TYR E 37 7.69 20.08 35.95
N ARG E 38 6.56 20.77 35.88
CA ARG E 38 6.20 21.65 36.97
C ARG E 38 4.69 21.61 37.18
N GLN E 39 4.27 21.97 38.39
CA GLN E 39 2.86 21.98 38.76
C GLN E 39 2.60 23.25 39.57
N ALA E 40 1.80 24.14 39.02
CA ALA E 40 1.36 25.29 39.77
C ALA E 40 0.22 24.88 40.69
N PRO E 41 -0.01 25.62 41.78
CA PRO E 41 -1.02 25.22 42.77
C PRO E 41 -2.39 24.95 42.18
N GLY E 42 -2.92 23.75 42.45
CA GLY E 42 -4.25 23.35 42.02
C GLY E 42 -4.46 23.17 40.53
N LYS E 43 -3.38 22.98 39.75
CA LYS E 43 -3.45 22.80 38.30
C LYS E 43 -2.75 21.50 37.92
N GLN E 44 -2.69 21.22 36.62
CA GLN E 44 -2.04 20.01 36.12
C GLN E 44 -0.53 20.15 36.00
N ARG E 45 0.16 19.01 36.10
CA ARG E 45 1.61 18.94 36.01
CA ARG E 45 1.62 18.94 36.02
C ARG E 45 2.04 19.04 34.54
N ASP E 46 2.76 20.11 34.19
CA ASP E 46 3.14 20.39 32.81
C ASP E 46 4.59 20.04 32.49
N PHE E 47 4.79 19.44 31.32
CA PHE E 47 6.12 19.09 30.84
C PHE E 47 6.89 20.31 30.38
N LEU E 48 8.19 20.34 30.67
CA LEU E 48 9.02 21.48 30.32
C LEU E 48 10.12 21.12 29.33
N ALA E 49 11.02 20.20 29.69
CA ALA E 49 12.11 19.86 28.78
C ALA E 49 12.65 18.49 29.13
N VAL E 50 13.30 17.86 28.14
CA VAL E 50 13.92 16.55 28.29
C VAL E 50 15.27 16.57 27.60
N ILE E 51 16.18 15.69 28.06
CA ILE E 51 17.49 15.54 27.45
C ILE E 51 17.92 14.08 27.57
N SER E 52 18.53 13.55 26.52
CA SER E 52 19.04 12.18 26.51
C SER E 52 20.54 12.17 26.88
N SER E 53 21.08 10.97 27.04
CA SER E 53 22.51 10.86 27.34
C SER E 53 23.37 11.30 26.17
N SER E 54 22.89 11.12 24.94
CA SER E 54 23.63 11.58 23.76
C SER E 54 23.56 13.08 23.56
N GLY E 55 22.68 13.78 24.29
CA GLY E 55 22.53 15.22 24.18
C GLY E 55 21.33 15.71 23.39
N SER E 56 20.41 14.83 23.02
CA SER E 56 19.21 15.25 22.31
C SER E 56 18.22 15.88 23.28
N THR E 57 17.57 16.94 22.83
CA THR E 57 16.67 17.73 23.66
C THR E 57 15.32 17.97 22.98
N ASN E 58 14.33 18.24 23.82
CA ASN E 58 13.01 18.67 23.38
C ASN E 58 12.47 19.63 24.43
N TYR E 59 11.87 20.72 24.00
CA TYR E 59 11.30 21.69 24.94
C TYR E 59 9.82 21.85 24.66
N ALA E 60 9.06 22.07 25.73
CA ALA E 60 7.68 22.47 25.56
C ALA E 60 7.65 23.91 25.03
N ASP E 61 6.59 24.23 24.26
CA ASP E 61 6.55 25.52 23.57
C ASP E 61 6.53 26.68 24.55
N SER E 62 5.82 26.55 25.66
CA SER E 62 5.71 27.67 26.62
C SER E 62 7.06 28.19 27.12
N VAL E 63 8.08 27.35 27.14
CA VAL E 63 9.37 27.74 27.70
C VAL E 63 10.50 27.74 26.68
N LYS E 64 10.22 27.38 25.43
CA LYS E 64 11.28 27.30 24.42
C LYS E 64 11.92 28.66 24.23
N GLY E 65 13.20 28.77 24.59
CA GLY E 65 13.89 30.03 24.47
C GLY E 65 14.32 30.64 25.79
N ARG E 66 13.49 30.56 26.84
CA ARG E 66 13.92 31.07 28.14
C ARG E 66 14.62 30.01 28.98
N PHE E 67 14.14 28.77 28.94
CA PHE E 67 14.69 27.69 29.73
C PHE E 67 15.63 26.85 28.87
N THR E 68 16.73 26.41 29.47
CA THR E 68 17.71 25.56 28.78
C THR E 68 18.07 24.37 29.66
N ILE E 69 17.95 23.15 29.09
CA ILE E 69 18.30 21.90 29.79
C ILE E 69 19.69 21.45 29.37
N SER E 70 20.40 20.81 30.30
CA SER E 70 21.80 20.39 30.12
C SER E 70 22.05 19.15 30.96
N ARG E 71 23.10 18.42 30.60
CA ARG E 71 23.37 17.13 31.22
C ARG E 71 24.86 16.88 31.27
N ASP E 72 25.31 16.38 32.40
CA ASP E 72 26.69 16.00 32.61
C ASP E 72 26.59 14.52 32.95
N ASN E 73 26.82 13.67 31.96
CA ASN E 73 26.64 12.20 32.17
C ASN E 73 27.66 11.66 33.18
N ALA E 74 28.85 12.26 33.23
CA ALA E 74 29.88 11.80 34.15
C ALA E 74 29.40 11.89 35.59
N LYS E 75 28.59 12.90 35.89
CA LYS E 75 27.96 13.06 37.20
C LYS E 75 26.50 12.63 37.20
N ASN E 76 25.99 12.19 36.03
CA ASN E 76 24.59 11.74 35.84
C ASN E 76 23.59 12.75 36.41
N THR E 77 23.80 14.02 36.07
CA THR E 77 23.02 15.14 36.60
C THR E 77 22.47 15.99 35.47
N ALA E 78 21.27 16.52 35.66
CA ALA E 78 20.65 17.39 34.68
C ALA E 78 20.43 18.75 35.32
N TYR E 79 20.50 19.80 34.51
CA TYR E 79 20.27 21.16 34.99
C TYR E 79 19.18 21.79 34.16
N LEU E 80 18.45 22.74 34.76
CA LEU E 80 17.47 23.55 34.06
C LEU E 80 17.73 25.02 34.35
N GLN E 81 18.36 25.72 33.41
CA GLN E 81 18.61 27.16 33.52
C GLN E 81 17.35 27.94 33.13
N MET E 82 16.72 28.59 34.10
CA MET E 82 15.49 29.33 33.88
C MET E 82 15.83 30.81 33.86
N ASN E 83 15.59 31.47 32.74
CA ASN E 83 15.89 32.89 32.61
C ASN E 83 14.60 33.69 32.47
N SER E 84 14.73 35.01 32.68
CA SER E 84 13.65 35.97 32.46
C SER E 84 12.35 35.50 33.10
N LEU E 85 12.43 35.23 34.41
CA LEU E 85 11.30 34.61 35.10
C LEU E 85 10.12 35.57 35.28
N LYS E 86 8.92 35.02 35.12
CA LYS E 86 7.64 35.67 35.35
C LYS E 86 6.98 35.03 36.57
N VAL E 87 5.99 35.73 37.15
CA VAL E 87 5.29 35.19 38.31
C VAL E 87 4.56 33.90 37.95
N GLU E 88 4.09 33.77 36.72
CA GLU E 88 3.43 32.54 36.33
C GLU E 88 4.37 31.35 36.30
N ASP E 89 5.66 31.53 36.52
CA ASP E 89 6.58 30.42 36.67
C ASP E 89 6.66 29.93 38.12
N THR E 90 5.87 30.51 39.01
CA THR E 90 5.79 30.03 40.38
C THR E 90 5.11 28.67 40.39
N ALA E 91 5.83 27.65 40.85
CA ALA E 91 5.30 26.30 40.85
C ALA E 91 6.26 25.45 41.66
N VAL E 92 5.88 24.18 41.86
CA VAL E 92 6.81 23.15 42.31
C VAL E 92 7.36 22.48 41.05
N TYR E 93 8.68 22.51 40.89
CA TYR E 93 9.34 21.90 39.73
C TYR E 93 9.82 20.50 40.08
N TYR E 94 9.36 19.52 39.31
CA TYR E 94 9.70 18.12 39.56
C TYR E 94 10.74 17.63 38.57
N CYS E 95 11.67 16.83 39.06
CA CYS E 95 12.62 16.12 38.23
C CYS E 95 12.01 14.76 37.83
N ALA E 96 12.34 14.30 36.61
CA ALA E 96 11.84 13.01 36.15
C ALA E 96 12.91 12.25 35.39
N ALA E 97 12.80 10.91 35.43
CA ALA E 97 13.70 10.05 34.68
C ALA E 97 12.95 8.92 33.98
N HIS E 98 13.53 8.51 32.86
CA HIS E 98 13.18 7.29 32.15
C HIS E 98 14.19 6.23 32.61
N VAL E 99 13.73 5.27 33.40
CA VAL E 99 14.62 4.29 34.02
C VAL E 99 14.69 3.06 33.13
N ALA E 100 15.88 2.49 32.97
CA ALA E 100 16.02 1.32 32.11
C ALA E 100 15.11 0.19 32.58
N GLY E 101 14.31 -0.36 31.66
CA GLY E 101 13.40 -1.41 32.00
C GLY E 101 12.02 -0.95 32.38
N PHE E 102 11.81 0.36 32.53
CA PHE E 102 10.52 0.92 32.93
C PHE E 102 10.15 1.96 31.87
N ASP E 103 9.49 1.51 30.80
CA ASP E 103 9.13 2.36 29.67
C ASP E 103 7.77 3.03 29.81
N GLU E 104 6.93 2.57 30.73
CA GLU E 104 5.56 3.03 30.78
C GLU E 104 5.33 4.22 31.72
N TYR E 105 6.26 4.51 32.62
CA TYR E 105 6.07 5.49 33.69
C TYR E 105 7.39 6.18 34.00
N ASN E 106 7.28 7.46 34.36
CA ASN E 106 8.48 8.15 34.83
C ASN E 106 8.74 7.72 36.26
N TYR E 107 9.98 7.91 36.69
CA TYR E 107 10.30 7.97 38.11
C TYR E 107 10.43 9.44 38.46
N TRP E 108 9.95 9.83 39.64
CA TRP E 108 9.84 11.24 39.99
C TRP E 108 10.71 11.60 41.19
N GLY E 109 11.11 12.88 41.27
CA GLY E 109 11.65 13.40 42.52
C GLY E 109 10.56 14.00 43.42
N GLN E 110 10.93 14.38 44.64
CA GLN E 110 9.94 14.97 45.53
C GLN E 110 9.59 16.41 45.16
N GLY E 111 10.37 17.06 44.29
CA GLY E 111 10.03 18.40 43.85
C GLY E 111 10.76 19.47 44.64
N THR E 112 10.85 20.65 44.02
CA THR E 112 11.45 21.83 44.62
C THR E 112 10.67 23.09 44.25
N GLN E 113 10.44 23.94 45.26
CA GLN E 113 9.62 25.13 45.09
C GLN E 113 10.42 26.26 44.46
N VAL E 114 9.80 26.93 43.50
CA VAL E 114 10.33 28.14 42.89
C VAL E 114 9.23 29.18 42.99
N THR E 115 9.50 30.25 43.71
CA THR E 115 8.54 31.34 43.87
C THR E 115 9.11 32.55 43.17
N VAL E 116 8.28 33.24 42.40
CA VAL E 116 8.71 34.45 41.73
C VAL E 116 7.83 35.58 42.25
N SER E 117 8.44 36.50 42.99
CA SER E 117 7.74 37.63 43.59
C SER E 117 7.95 38.88 42.74
N GLN F 1 11.99 8.12 9.55
CA GLN F 1 12.46 9.26 8.78
C GLN F 1 13.83 9.08 8.18
N VAL F 2 14.09 9.83 7.12
CA VAL F 2 15.39 9.89 6.50
C VAL F 2 15.76 11.36 6.40
N GLN F 3 16.98 11.70 6.78
CA GLN F 3 17.44 13.08 6.74
C GLN F 3 18.88 13.11 6.26
N LEU F 4 19.10 13.76 5.12
CA LEU F 4 20.43 13.95 4.54
C LEU F 4 20.77 15.43 4.59
N VAL F 5 21.84 15.78 5.31
CA VAL F 5 22.28 17.17 5.45
C VAL F 5 23.69 17.32 4.88
N GLU F 6 23.86 18.25 3.94
CA GLU F 6 25.13 18.54 3.30
C GLU F 6 25.84 19.69 3.99
N SER F 7 27.16 19.73 3.83
CA SER F 7 27.97 20.86 4.24
C SER F 7 29.31 20.79 3.48
N GLY F 8 30.13 21.82 3.64
CA GLY F 8 31.42 21.85 2.99
C GLY F 8 31.48 22.59 1.67
N GLY F 9 30.37 23.15 1.19
CA GLY F 9 30.38 23.97 0.00
C GLY F 9 31.02 25.33 0.23
N GLY F 10 31.32 26.01 -0.87
CA GLY F 10 31.87 27.35 -0.79
C GLY F 10 32.25 27.88 -2.16
N LEU F 11 33.26 28.77 -2.15
CA LEU F 11 33.75 29.45 -3.34
C LEU F 11 35.26 29.35 -3.35
N VAL F 12 35.84 28.84 -4.44
CA VAL F 12 37.27 28.59 -4.49
C VAL F 12 37.81 28.91 -5.88
N GLN F 13 39.10 29.26 -5.92
CA GLN F 13 39.76 29.62 -7.16
C GLN F 13 39.95 28.38 -8.04
N ALA F 14 40.09 28.62 -9.35
CA ALA F 14 40.35 27.53 -10.28
C ALA F 14 41.70 26.89 -9.96
N GLY F 15 41.71 25.56 -9.87
CA GLY F 15 42.85 24.81 -9.43
C GLY F 15 42.76 24.32 -8.00
N GLY F 16 41.92 24.95 -7.19
CA GLY F 16 41.75 24.60 -5.79
C GLY F 16 40.99 23.30 -5.54
N SER F 17 40.91 22.96 -4.25
CA SER F 17 40.18 21.80 -3.75
C SER F 17 38.99 22.23 -2.91
N LEU F 18 38.10 21.29 -2.65
CA LEU F 18 36.93 21.45 -1.77
C LEU F 18 36.48 20.08 -1.31
N ARG F 19 36.00 19.98 -0.07
CA ARG F 19 35.50 18.69 0.42
C ARG F 19 34.08 18.85 0.96
N LEU F 20 33.14 18.17 0.30
CA LEU F 20 31.75 18.12 0.69
C LEU F 20 31.53 16.94 1.63
N SER F 21 30.52 17.06 2.50
CA SER F 21 30.17 15.98 3.40
C SER F 21 28.66 15.79 3.39
N CYS F 22 28.22 14.61 3.81
CA CYS F 22 26.79 14.29 3.90
C CYS F 22 26.57 13.45 5.16
N ALA F 23 25.86 14.00 6.14
CA ALA F 23 25.50 13.26 7.34
C ALA F 23 24.08 12.71 7.21
N ALA F 24 23.93 11.40 7.36
CA ALA F 24 22.64 10.72 7.28
C ALA F 24 22.17 10.32 8.67
N SER F 25 20.85 10.20 8.84
CA SER F 25 20.27 9.85 10.13
C SER F 25 19.37 8.64 9.96
N GLY F 26 19.46 7.72 10.90
CA GLY F 26 19.01 6.35 10.78
C GLY F 26 20.12 5.37 11.10
N SER F 27 19.82 4.10 10.93
CA SER F 27 20.78 3.04 11.15
C SER F 27 21.81 2.99 10.03
N ILE F 28 22.91 2.29 10.29
CA ILE F 28 23.84 1.92 9.23
C ILE F 28 23.23 0.85 8.32
N PHE F 29 22.18 0.17 8.80
CA PHE F 29 21.47 -0.84 8.02
C PHE F 29 20.40 -0.26 7.08
N SER F 30 19.86 0.93 7.39
CA SER F 30 18.77 1.52 6.61
C SER F 30 19.26 2.40 5.45
N ILE F 31 20.52 2.83 5.43
CA ILE F 31 21.14 3.46 4.26
C ILE F 31 22.08 2.45 3.59
N ASN F 32 21.87 2.21 2.30
CA ASN F 32 22.59 1.17 1.57
C ASN F 32 23.75 1.69 0.73
N ALA F 33 23.54 2.78 0.00
CA ALA F 33 24.51 3.39 -0.89
C ALA F 33 24.37 4.88 -0.82
N MET F 34 25.50 5.59 -0.89
CA MET F 34 25.49 7.03 -0.84
C MET F 34 26.23 7.56 -2.06
N GLY F 35 25.85 8.77 -2.48
CA GLY F 35 26.42 9.31 -3.70
C GLY F 35 26.16 10.79 -3.84
N TRP F 36 26.68 11.32 -4.96
CA TRP F 36 26.66 12.75 -5.23
C TRP F 36 26.20 13.01 -6.67
N TYR F 37 25.36 14.01 -6.83
CA TYR F 37 24.98 14.55 -8.13
C TYR F 37 25.22 16.06 -8.11
N ARG F 38 25.21 16.69 -9.27
CA ARG F 38 25.30 18.16 -9.34
C ARG F 38 24.36 18.65 -10.43
N GLN F 39 23.91 19.88 -10.28
CA GLN F 39 23.05 20.51 -11.28
C GLN F 39 23.54 21.93 -11.51
N ALA F 40 24.03 22.20 -12.70
CA ALA F 40 24.40 23.56 -13.06
C ALA F 40 23.14 24.36 -13.42
N PRO F 41 23.21 25.71 -13.34
CA PRO F 41 22.02 26.51 -13.64
C PRO F 41 21.41 26.22 -15.01
N GLY F 42 20.12 25.88 -15.02
CA GLY F 42 19.38 25.60 -16.23
C GLY F 42 19.76 24.33 -16.98
N LYS F 43 20.41 23.38 -16.34
CA LYS F 43 20.81 22.10 -16.93
C LYS F 43 20.24 20.95 -16.10
N GLN F 44 20.55 19.72 -16.52
CA GLN F 44 20.09 18.51 -15.85
C GLN F 44 20.97 18.19 -14.65
N ARG F 45 20.46 17.34 -13.74
CA ARG F 45 21.25 16.86 -12.62
C ARG F 45 22.07 15.67 -13.08
N ASP F 46 23.39 15.77 -13.00
CA ASP F 46 24.28 14.74 -13.49
C ASP F 46 24.83 13.91 -12.34
N PHE F 47 24.89 12.60 -12.56
CA PHE F 47 25.48 11.70 -11.57
C PHE F 47 27.00 11.89 -11.51
N LEU F 48 27.53 11.88 -10.29
CA LEU F 48 28.95 12.13 -10.05
C LEU F 48 29.67 10.93 -9.44
N ALA F 49 29.26 10.45 -8.28
CA ALA F 49 29.98 9.34 -7.65
C ALA F 49 29.03 8.59 -6.74
N VAL F 50 29.32 7.32 -6.53
CA VAL F 50 28.51 6.48 -5.65
C VAL F 50 29.47 5.60 -4.86
N ILE F 51 29.05 5.22 -3.66
CA ILE F 51 29.83 4.31 -2.83
C ILE F 51 28.87 3.46 -2.03
N SER F 52 29.20 2.17 -1.91
CA SER F 52 28.41 1.24 -1.15
C SER F 52 28.95 1.09 0.28
N SER F 53 28.18 0.39 1.11
CA SER F 53 28.64 0.14 2.49
C SER F 53 29.87 -0.73 2.50
N SER F 54 30.02 -1.61 1.51
CA SER F 54 31.21 -2.42 1.39
C SER F 54 32.40 -1.63 0.84
N GLY F 55 32.17 -0.43 0.32
CA GLY F 55 33.26 0.37 -0.19
C GLY F 55 33.47 0.35 -1.68
N SER F 56 32.58 -0.28 -2.43
CA SER F 56 32.70 -0.27 -3.88
C SER F 56 32.25 1.09 -4.39
N THR F 57 32.96 1.61 -5.39
CA THR F 57 32.71 2.94 -5.92
C THR F 57 32.54 2.89 -7.43
N ASN F 58 31.86 3.90 -7.95
CA ASN F 58 31.74 4.13 -9.38
C ASN F 58 31.74 5.64 -9.60
N TYR F 59 32.50 6.09 -10.59
CA TYR F 59 32.55 7.50 -10.92
C TYR F 59 32.14 7.72 -12.37
N ALA F 60 31.49 8.86 -12.61
CA ALA F 60 31.23 9.29 -13.96
C ALA F 60 32.52 9.74 -14.63
N ASP F 61 32.59 9.57 -15.96
CA ASP F 61 33.83 9.81 -16.69
C ASP F 61 34.30 11.26 -16.58
N SER F 62 33.36 12.21 -16.55
CA SER F 62 33.76 13.63 -16.49
C SER F 62 34.67 13.92 -15.31
N VAL F 63 34.51 13.21 -14.19
CA VAL F 63 35.24 13.51 -12.97
C VAL F 63 36.18 12.40 -12.55
N LYS F 64 36.23 11.28 -13.25
CA LYS F 64 37.07 10.16 -12.82
C LYS F 64 38.52 10.60 -12.76
N GLY F 65 39.10 10.61 -11.56
CA GLY F 65 40.48 11.02 -11.39
C GLY F 65 40.64 12.27 -10.56
N ARG F 66 39.71 13.21 -10.68
CA ARG F 66 39.75 14.44 -9.89
C ARG F 66 38.99 14.32 -8.56
N PHE F 67 37.82 13.68 -8.58
CA PHE F 67 37.00 13.51 -7.38
C PHE F 67 37.19 12.10 -6.81
N THR F 68 37.16 12.00 -5.49
CA THR F 68 37.11 10.68 -4.86
C THR F 68 36.03 10.70 -3.79
N ILE F 69 35.18 9.67 -3.78
CA ILE F 69 34.13 9.51 -2.79
C ILE F 69 34.66 8.57 -1.71
N SER F 70 34.28 8.85 -0.47
CA SER F 70 34.75 8.11 0.72
C SER F 70 33.60 7.95 1.70
N ARG F 71 33.72 7.05 2.66
CA ARG F 71 32.61 6.79 3.57
C ARG F 71 33.14 6.35 4.94
N ASP F 72 32.49 6.86 5.99
CA ASP F 72 32.70 6.49 7.38
C ASP F 72 31.42 5.83 7.89
N ASN F 73 31.39 4.50 7.96
CA ASN F 73 30.17 3.82 8.39
C ASN F 73 29.87 4.04 9.87
N ALA F 74 30.88 4.36 10.69
CA ALA F 74 30.63 4.59 12.11
C ALA F 74 29.75 5.80 12.37
N LYS F 75 29.92 6.88 11.59
CA LYS F 75 29.05 8.05 11.66
C LYS F 75 28.09 8.15 10.48
N ASN F 76 28.05 7.14 9.59
CA ASN F 76 27.11 7.06 8.47
C ASN F 76 27.10 8.34 7.63
N THR F 77 28.29 8.82 7.29
CA THR F 77 28.46 10.02 6.50
C THR F 77 29.36 9.71 5.31
N ALA F 78 29.11 10.39 4.20
CA ALA F 78 29.94 10.23 3.01
C ALA F 78 30.61 11.56 2.69
N TYR F 79 31.79 11.47 2.08
CA TYR F 79 32.55 12.64 1.67
C TYR F 79 32.83 12.59 0.18
N LEU F 80 33.01 13.78 -0.38
CA LEU F 80 33.45 13.94 -1.77
C LEU F 80 34.62 14.94 -1.73
N GLN F 81 35.84 14.44 -1.87
CA GLN F 81 37.02 15.29 -1.97
C GLN F 81 37.14 15.74 -3.42
N MET F 82 36.98 17.04 -3.67
CA MET F 82 37.06 17.58 -5.02
C MET F 82 38.40 18.27 -5.22
N ASN F 83 39.18 17.81 -6.19
CA ASN F 83 40.49 18.42 -6.48
C ASN F 83 40.52 18.98 -7.90
N SER F 84 41.50 19.86 -8.14
CA SER F 84 41.78 20.45 -9.46
C SER F 84 40.51 20.99 -10.14
N LEU F 85 39.81 21.86 -9.43
CA LEU F 85 38.50 22.32 -9.87
C LEU F 85 38.61 23.26 -11.07
N LYS F 86 37.66 23.11 -12.00
CA LYS F 86 37.52 23.95 -13.18
C LYS F 86 36.27 24.82 -13.05
N VAL F 87 36.21 25.88 -13.88
CA VAL F 87 35.05 26.77 -13.80
C VAL F 87 33.76 26.03 -14.09
N GLU F 88 33.81 25.04 -14.99
CA GLU F 88 32.64 24.25 -15.37
C GLU F 88 32.11 23.37 -14.23
N ASP F 89 32.78 23.34 -13.08
CA ASP F 89 32.28 22.62 -11.92
C ASP F 89 31.33 23.45 -11.05
N THR F 90 30.99 24.67 -11.45
CA THR F 90 30.06 25.50 -10.69
C THR F 90 28.64 24.94 -10.77
N ALA F 91 28.08 24.54 -9.63
CA ALA F 91 26.74 23.96 -9.60
C ALA F 91 26.25 23.82 -8.16
N VAL F 92 25.03 23.34 -8.03
CA VAL F 92 24.53 22.87 -6.74
C VAL F 92 24.85 21.39 -6.68
N TYR F 93 25.59 20.98 -5.66
CA TYR F 93 25.90 19.57 -5.47
C TYR F 93 24.90 18.97 -4.49
N TYR F 94 24.20 17.92 -4.93
CA TYR F 94 23.17 17.27 -4.14
C TYR F 94 23.65 15.94 -3.59
N CYS F 95 23.28 15.66 -2.35
CA CYS F 95 23.54 14.38 -1.74
C CYS F 95 22.41 13.41 -2.07
N ALA F 96 22.73 12.14 -2.26
CA ALA F 96 21.71 11.14 -2.53
C ALA F 96 21.99 9.87 -1.75
N ALA F 97 20.93 9.18 -1.38
CA ALA F 97 21.03 7.92 -0.66
C ALA F 97 20.05 6.92 -1.26
N HIS F 98 20.46 5.64 -1.24
CA HIS F 98 19.59 4.51 -1.55
C HIS F 98 19.16 3.90 -0.21
N VAL F 99 17.90 4.15 0.18
CA VAL F 99 17.44 3.79 1.52
C VAL F 99 16.79 2.42 1.46
N ALA F 100 17.07 1.58 2.45
CA ALA F 100 16.51 0.23 2.44
C ALA F 100 14.99 0.30 2.33
N GLY F 101 14.45 -0.50 1.41
CA GLY F 101 13.02 -0.52 1.15
C GLY F 101 12.54 0.39 0.04
N PHE F 102 13.39 1.27 -0.50
CA PHE F 102 13.01 2.21 -1.55
C PHE F 102 14.03 2.08 -2.69
N ASP F 103 13.78 1.16 -3.63
CA ASP F 103 14.76 0.94 -4.69
C ASP F 103 14.51 1.76 -5.96
N GLU F 104 13.34 2.36 -6.11
CA GLU F 104 12.97 2.99 -7.38
C GLU F 104 13.33 4.45 -7.47
N TYR F 105 13.68 5.08 -6.37
CA TYR F 105 13.98 6.50 -6.35
CA TYR F 105 14.02 6.49 -6.37
C TYR F 105 14.99 6.76 -5.25
N ASN F 106 15.72 7.84 -5.38
CA ASN F 106 16.69 8.24 -4.38
C ASN F 106 16.02 9.09 -3.30
N TYR F 107 16.67 9.16 -2.15
CA TYR F 107 16.41 10.21 -1.18
C TYR F 107 17.49 11.27 -1.39
N TRP F 108 17.06 12.53 -1.33
CA TRP F 108 17.91 13.64 -1.70
C TRP F 108 18.15 14.57 -0.53
N GLY F 109 19.29 15.29 -0.59
CA GLY F 109 19.52 16.43 0.26
C GLY F 109 19.05 17.72 -0.40
N GLN F 110 19.11 18.80 0.36
CA GLN F 110 18.74 20.11 -0.15
C GLN F 110 19.81 20.74 -1.04
N GLY F 111 21.03 20.21 -1.04
CA GLY F 111 22.06 20.69 -1.92
C GLY F 111 22.93 21.75 -1.26
N THR F 112 24.14 21.89 -1.79
CA THR F 112 25.04 22.92 -1.27
C THR F 112 25.79 23.54 -2.44
N GLN F 113 25.92 24.87 -2.41
CA GLN F 113 26.46 25.58 -3.57
C GLN F 113 27.97 25.47 -3.62
N VAL F 114 28.48 25.24 -4.84
CA VAL F 114 29.90 25.26 -5.14
C VAL F 114 30.12 26.21 -6.33
N THR F 115 30.79 27.32 -6.09
CA THR F 115 31.14 28.33 -7.08
C THR F 115 32.65 28.29 -7.26
N VAL F 116 33.12 28.28 -8.51
CA VAL F 116 34.54 28.28 -8.80
C VAL F 116 34.84 29.54 -9.62
N SER F 117 35.59 30.45 -9.03
CA SER F 117 35.96 31.68 -9.75
C SER F 117 37.37 31.56 -10.30
C1 NAG G . 7.78 -17.09 -2.86
C2 NAG G . 7.36 -17.82 -1.57
C3 NAG G . 6.40 -18.97 -1.89
C4 NAG G . 5.26 -18.54 -2.79
C5 NAG G . 5.81 -17.80 -4.02
C6 NAG G . 4.73 -17.23 -4.92
C7 NAG G . 8.90 -17.85 0.34
C8 NAG G . 10.15 -18.44 0.91
N2 NAG G . 8.54 -18.30 -0.87
O3 NAG G . 5.84 -19.46 -0.66
O4 NAG G . 4.55 -19.70 -3.21
O5 NAG G . 6.61 -16.69 -3.59
O6 NAG G . 4.35 -15.91 -4.58
O7 NAG G . 8.23 -17.02 0.95
C1 NAG G . 3.19 -19.68 -2.69
C2 NAG G . 2.30 -20.49 -3.61
C3 NAG G . 0.87 -20.47 -3.10
C4 NAG G . 0.82 -20.96 -1.66
C5 NAG G . 1.82 -20.18 -0.79
C6 NAG G . 1.94 -20.72 0.62
C7 NAG G . 3.09 -20.61 -5.94
C8 NAG G . 3.04 -19.99 -7.30
N2 NAG G . 2.37 -20.01 -4.99
O3 NAG G . 0.02 -21.28 -3.92
O4 NAG G . -0.49 -20.84 -1.12
O5 NAG G . 3.13 -20.22 -1.37
O6 NAG G . 2.84 -19.96 1.40
O7 NAG G . 3.77 -21.61 -5.69
C1 NAG H . 11.13 -21.43 -14.19
C2 NAG H . 10.52 -22.09 -12.96
C3 NAG H . 11.61 -22.36 -11.93
C4 NAG H . 12.74 -23.20 -12.52
C5 NAG H . 13.26 -22.54 -13.80
C6 NAG H . 14.28 -23.37 -14.55
C7 NAG H . 8.19 -21.48 -12.55
C8 NAG H . 7.27 -20.52 -11.87
N2 NAG H . 9.49 -21.26 -12.37
O3 NAG H . 11.04 -23.01 -10.79
O4 NAG H . 13.79 -23.25 -11.56
O5 NAG H . 12.17 -22.29 -14.72
O6 NAG H . 14.51 -22.88 -15.87
O7 NAG H . 7.76 -22.42 -13.24
C1 BMA H . 14.22 -24.59 -11.27
C2 BMA H . 15.76 -24.59 -10.88
C3 BMA H . 16.18 -25.87 -10.09
C4 BMA H . 15.05 -26.45 -9.21
C5 BMA H . 13.73 -26.49 -10.01
C6 BMA H . 12.57 -27.15 -9.28
O2 BMA H . 16.12 -23.44 -10.10
O3 BMA H . 17.33 -25.65 -9.28
O4 BMA H . 15.38 -27.78 -8.74
O5 BMA H . 13.40 -25.13 -10.28
O6 BMA H . 11.41 -27.02 -10.09
C1 NAG I . 11.60 -13.36 18.67
C2 NAG I . 12.51 -14.55 18.95
C3 NAG I . 12.08 -15.76 18.13
C4 NAG I . 10.61 -16.08 18.38
C5 NAG I . 9.77 -14.84 18.06
C6 NAG I . 8.29 -15.02 18.31
C7 NAG I . 14.80 -13.99 19.62
C8 NAG I . 16.18 -13.66 19.15
N2 NAG I . 13.90 -14.23 18.66
O3 NAG I . 12.90 -16.87 18.47
O4 NAG I . 10.22 -17.15 17.51
O5 NAG I . 10.20 -13.75 18.87
O6 NAG I . 7.93 -14.89 19.68
O7 NAG I . 14.52 -14.06 20.82
C1 NAG I . 9.91 -18.35 18.24
C2 NAG I . 8.94 -19.25 17.44
C3 NAG I . 8.66 -20.53 18.21
C4 NAG I . 9.95 -21.23 18.62
C5 NAG I . 10.91 -20.25 19.33
C6 NAG I . 12.26 -20.83 19.59
C7 NAG I . 7.50 -17.84 16.00
C8 NAG I . 6.15 -17.24 15.83
N2 NAG I . 7.70 -18.56 17.12
O3 NAG I . 7.87 -21.41 17.41
O4 NAG I . 9.65 -22.30 19.50
O5 NAG I . 11.11 -19.07 18.52
O6 NAG I . 13.24 -19.80 19.73
O7 NAG I . 8.40 -17.67 15.18
C1 BMA I . 10.04 -23.61 19.03
C2 BMA I . 8.84 -24.58 19.28
C3 BMA I . 9.26 -26.00 18.89
C4 BMA I . 9.88 -26.06 17.45
C5 BMA I . 10.97 -24.96 17.26
C6 BMA I . 11.50 -24.89 15.83
O2 BMA I . 7.72 -24.24 18.45
O3 BMA I . 8.18 -26.93 19.01
O4 BMA I . 10.45 -27.34 17.23
O5 BMA I . 10.43 -23.66 17.64
O6 BMA I . 12.26 -26.07 15.56
C1 NAG J . 5.15 -9.45 8.54
C2 NAG J . 5.84 -10.76 8.94
C3 NAG J . 7.35 -10.59 8.99
C4 NAG J . 7.89 -10.06 7.67
C5 NAG J . 7.16 -8.77 7.29
C6 NAG J . 7.53 -8.30 5.89
C7 NAG J . 4.93 -12.51 10.41
C8 NAG J . 4.50 -12.85 11.81
N2 NAG J . 5.36 -11.26 10.22
O3 NAG J . 7.89 -11.89 9.24
O4 NAG J . 9.28 -9.80 7.84
O5 NAG J . 5.73 -8.95 7.29
O6 NAG J . 6.67 -7.27 5.46
O7 NAG J . 4.88 -13.34 9.50
C1 NAG J . 10.12 -10.30 6.77
C2 NAG J . 11.20 -9.24 6.49
C3 NAG J . 12.60 -9.84 6.62
C4 NAG J . 12.73 -10.57 7.93
C5 NAG J . 11.80 -11.78 7.95
C6 NAG J . 11.12 -12.02 9.29
C7 NAG J . 11.00 -7.33 4.96
C8 NAG J . 10.81 -6.90 3.53
N2 NAG J . 11.02 -8.64 5.17
O3 NAG J . 13.55 -8.78 6.54
O4 NAG J . 14.06 -11.03 8.10
O5 NAG J . 10.76 -11.67 6.97
O6 NAG J . 10.87 -13.40 9.52
O7 NAG J . 11.14 -6.51 5.87
C1 NAG K . 28.10 -2.00 -36.88
C2 NAG K . 29.38 -1.40 -36.24
C3 NAG K . 30.04 -0.39 -37.19
C4 NAG K . 30.23 -0.99 -38.59
C5 NAG K . 28.90 -1.53 -39.11
C6 NAG K . 29.02 -2.22 -40.46
C7 NAG K . 29.33 -1.31 -33.76
C8 NAG K . 28.89 -0.51 -32.58
N2 NAG K . 29.05 -0.78 -34.96
O3 NAG K . 31.31 0.00 -36.65
O4 NAG K . 30.75 -0.01 -39.48
O5 NAG K . 28.39 -2.50 -38.19
O6 NAG K . 29.86 -3.37 -40.42
O7 NAG K . 29.92 -2.39 -33.64
C1 AGH L . 26.80 -15.39 -19.09
C2 AGH L . 25.86 -14.23 -19.27
C3 AGH L . 26.13 -13.15 -18.20
C4 AGH L . 25.12 -11.97 -18.37
C5 AGH L . 23.64 -12.44 -18.20
C6 AGH L . 22.65 -11.26 -18.32
O3 AGH L . 26.13 -13.72 -16.91
C18 AGH L . 17.74 -5.93 -9.89
C17 AGH L . 18.46 -5.17 -11.03
C16 AGH L . 19.81 -5.85 -11.41
C15 AGH L . 20.28 -5.19 -12.70
C14 AGH L . 19.78 -6.03 -13.90
C13 AGH L . 20.34 -5.45 -15.25
C12 AGH L . 20.55 -6.62 -16.24
C11 AGH L . 21.05 -6.05 -17.63
C10 AGH L . 20.96 -7.12 -18.70
C9 AGH L . 22.17 -8.08 -18.65
C8 AGH L . 22.00 -9.17 -19.71
C7 AGH L . 23.06 -10.28 -19.50
O4 AGH L . 25.38 -10.96 -17.47
O1A AGH L . 28.16 -14.88 -18.87
C1A AGH L . 29.03 -15.63 -18.08
O6A AGH L . 29.25 -16.91 -18.77
C5M AGH L . 29.84 -16.68 -20.12
C6A AGH L . 30.00 -17.97 -20.88
O5A AGH L . 28.84 -18.77 -20.75
C4A AGH L . 31.18 -15.93 -20.02
O4A AGH L . 32.13 -16.81 -19.37
C3A AGH L . 31.00 -14.65 -19.27
O3A AGH L . 32.26 -13.92 -19.14
C2A AGH L . 30.36 -14.85 -17.94
O2A AGH L . 30.18 -13.57 -17.26
N2 AGH L . 26.14 -13.51 -20.49
CAA AGH L . 25.47 -13.80 -21.78
OAA AGH L . 24.71 -14.67 -21.86
CAB AGH L . 25.87 -12.93 -23.00
CAC AGH L . 24.81 -12.91 -24.11
CAD AGH L . 23.64 -11.91 -23.87
CAE AGH L . 22.38 -12.52 -24.56
CAF AGH L . 21.39 -11.44 -25.09
CAG AGH L . 19.91 -12.00 -25.06
CAH AGH L . 18.99 -11.11 -26.00
CAI AGH L . 17.65 -10.66 -25.33
CAJ AGH L . 16.46 -11.58 -25.76
CAK AGH L . 15.21 -11.37 -24.82
CAL AGH L . 14.04 -12.44 -25.05
CAM AGH L . 14.12 -12.97 -26.54
CAN AGH L . 12.69 -13.47 -26.94
CAO AGH L . 12.79 -14.65 -27.95
CAP AGH L . 13.19 -14.07 -29.36
CAQ AGH L . 13.61 -15.31 -30.21
CAR AGH L . 13.59 -14.93 -31.77
CAS AGH L . 14.54 -13.73 -32.04
CAT AGH L . 15.82 -14.26 -32.78
CAU AGH L . 16.53 -13.03 -33.42
CAV AGH L . 17.91 -12.94 -32.70
CAW AGH L . 18.12 -11.47 -32.29
CAX AGH L . 18.45 -11.37 -30.80
CAY AGH L . 18.69 -9.88 -30.55
CAZ AGH L . 18.90 -9.63 -29.06
C1 PEG M . -7.06 -14.42 -41.55
O1 PEG M . -7.10 -14.26 -42.96
C2 PEG M . -6.54 -13.18 -40.82
O2 PEG M . -5.22 -12.82 -41.17
C3 PEG M . -4.42 -12.43 -40.08
C4 PEG M . -3.05 -11.93 -40.54
O4 PEG M . -2.14 -13.00 -40.69
C1 PEG N . 28.32 -10.31 -9.31
O1 PEG N . 28.30 -9.57 -8.11
C2 PEG N . 26.90 -10.50 -9.83
O2 PEG N . 26.73 -10.01 -11.13
C3 PEG N . 27.35 -10.76 -12.15
C4 PEG N . 27.14 -10.07 -13.51
O4 PEG N . 28.12 -10.45 -14.45
CL CL O . 23.17 -26.47 -24.61
S SO4 P . 2.76 0.69 -27.96
O1 SO4 P . 3.04 1.63 -29.04
O2 SO4 P . 2.97 1.40 -26.70
O3 SO4 P . 3.66 -0.46 -28.04
O4 SO4 P . 1.37 0.24 -28.04
C2 BGC Q . -1.00 -14.44 -30.98
C3 BGC Q . -2.34 -14.79 -31.64
C4 BGC Q . -3.50 -15.11 -30.71
C5 BGC Q . -3.08 -15.97 -29.50
C6 BGC Q . -3.79 -17.28 -29.52
C1 BGC Q . -0.85 -15.02 -29.58
O1 BGC Q . 0.43 -15.24 -29.15
O2 BGC Q . -0.85 -12.99 -30.83
O3 BGC Q . -2.33 -15.93 -32.56
O4 BGC Q . -4.11 -13.91 -30.26
O5 BGC Q . -1.65 -16.29 -29.49
O6 BGC Q . -4.67 -17.31 -28.42
C1 AGH R . 7.93 7.78 5.26
C2 AGH R . 7.11 7.72 6.51
C3 AGH R . 7.97 8.11 7.72
C4 AGH R . 7.03 8.40 8.91
C5 AGH R . 6.21 7.14 9.27
C6 AGH R . 5.37 7.75 10.38
O3 AGH R . 8.80 7.04 8.09
C18 AGH R . 8.69 3.06 19.97
C17 AGH R . 7.52 4.06 20.12
C16 AGH R . 7.72 5.25 19.13
C15 AGH R . 6.38 5.90 18.92
C14 AGH R . 5.90 5.65 17.47
C13 AGH R . 5.07 6.92 17.06
C12 AGH R . 4.37 6.61 15.73
C11 AGH R . 3.56 7.93 15.37
C10 AGH R . 2.85 7.71 14.05
C9 AGH R . 3.81 8.10 12.92
C8 AGH R . 3.26 7.61 11.59
C7 AGH R . 4.36 6.71 10.96
O4 AGH R . 7.72 8.87 10.05
O1A AGH R . 8.46 9.14 5.22
C1A AGH R . 9.66 9.19 4.58
O6A AGH R . 9.39 8.84 3.17
C5M AGH R . 8.57 9.88 2.52
C6A AGH R . 8.33 9.52 1.08
O5A AGH R . 7.21 8.66 1.03
C4A AGH R . 9.10 11.33 2.70
O4A AGH R . 10.28 11.58 1.90
C3A AGH R . 9.40 11.63 4.14
O3A AGH R . 10.01 12.96 4.27
C2A AGH R . 10.27 10.60 4.73
O2A AGH R . 10.50 10.87 6.11
N2 AGH R . 6.09 8.73 6.40
CAA AGH R . 4.79 8.34 5.84
OAA AGH R . 4.64 7.24 5.51
CAB AGH R . 3.67 9.40 5.72
CAC AGH R . 2.32 8.63 5.72
CAD AGH R . 1.31 9.26 6.67
CAE AGH R . 0.68 8.02 7.35
CAF AGH R . -0.76 7.75 6.83
CAG AGH R . -1.25 6.43 7.52
CAH AGH R . -2.84 6.38 7.56
CAI AGH R . -3.28 5.92 8.99
CAJ AGH R . -2.83 4.45 9.22
CAK AGH R . -4.07 3.58 9.72
CAL AGH R . -3.87 2.04 9.37
CAM AGH R . -4.82 1.64 8.16
CAN AGH R . -5.85 0.52 8.61
CAO AGH R . -6.76 0.04 7.42
CAP AGH R . -7.27 1.31 6.63
CAQ AGH R . -8.29 0.90 5.51
CAR AGH R . -9.35 2.10 5.25
CAS AGH R . -8.78 3.00 4.11
CAT AGH R . -9.65 4.28 3.92
CAU AGH R . -9.06 5.36 4.87
CAV AGH R . -9.59 6.76 4.42
CAW AGH R . -8.46 7.81 4.46
CAX AGH R . -7.40 7.42 5.50
CAY AGH R . -7.75 7.95 6.90
CAZ AGH R . -6.53 7.80 7.83
NA NA S . -7.26 -26.52 13.44
C1 PEG T . 5.78 4.27 41.02
O1 PEG T . 7.12 4.50 40.68
C2 PEG T . 5.02 3.60 39.86
O2 PEG T . 3.62 3.69 40.05
C3 PEG T . 2.88 4.22 38.98
C4 PEG T . 2.61 5.72 39.21
O4 PEG T . 1.59 6.18 38.36
#